data_7STS
#
_entry.id   7STS
#
_cell.length_a   99.084
_cell.length_b   99.084
_cell.length_c   221.890
_cell.angle_alpha   90.000
_cell.angle_beta   90.000
_cell.angle_gamma   120.000
#
_symmetry.space_group_name_H-M   'P 31 2 1'
#
loop_
_entity.id
_entity.type
_entity.pdbx_description
1 polymer 'Fab S24-1379, heavy chain'
2 polymer 'Fab S24-1379, light chain'
3 polymer Nucleoprotein
4 water water
#
loop_
_entity_poly.entity_id
_entity_poly.type
_entity_poly.pdbx_seq_one_letter_code
_entity_poly.pdbx_strand_id
1 'polypeptide(L)'
;QVQLQESGPGLVKPSETLSLTCTVSGGSISSYYWSWIRQPPGKGLEWIGYIYYSGSTNYNPSLKSRVTISVDTSKNQFSL
KLSSVTAADTAVYYCARDYYQLPMDVWGQGTTVTVSSASTKGPSVFPLAPSSKSTSGGTAALGCLVKDYFPEPVTVSWNS
GALTSGVHTFPAVLQSSGLYSLSSVVTVPSSSLGTQTYICNVNHKPSNTKVDKRVEPK
;
A,H
2 'polypeptide(L)'
;QSVLTQPPSASGTPGQRVTISCSGSSSNIGSNYVYWYQQLPGTAPKLLIYRNNQRPSGVPDRFSGSKSGTSASLAISGLR
SEDEADYYCAAWDDSLSGRVFGGGTKLTVLGQPKAAPSVTLFPPSSEELQANKATLVCLISDFYPGAVTVAWKADSSPVK
AGVETTTPSKQSNNKYAASSYLSLTPEQWKSHRSYSCQVTHEGSTVEKTVAP
;
B,L
3 'polypeptide(L)'
;SNMNNTASWFTALTQHGKEDLKFPRGQGVPINTNSSPDDQIGYYRRATRRIRGGDGKMKDLSPRWYFYYLGTGPEAGLPY
GANKDGIIWVATEGALNTPKDHIGTRNPANNAAIVLQLPQGTTLPKGFYA
;
C,D
#
# COMPACT_ATOMS: atom_id res chain seq x y z
N GLN A 1 -37.21 0.61 -9.88
CA GLN A 1 -38.02 -0.37 -9.20
C GLN A 1 -37.17 -1.25 -8.30
N VAL A 2 -35.96 -1.56 -8.74
CA VAL A 2 -35.05 -2.40 -7.97
C VAL A 2 -34.60 -1.66 -6.72
N GLN A 3 -34.74 -2.32 -5.57
CA GLN A 3 -34.31 -1.78 -4.29
C GLN A 3 -33.56 -2.84 -3.51
N LEU A 4 -32.53 -2.41 -2.79
CA LEU A 4 -31.69 -3.30 -2.01
C LEU A 4 -31.83 -2.97 -0.52
N GLN A 5 -31.62 -3.99 0.31
CA GLN A 5 -31.77 -3.82 1.75
C GLN A 5 -30.81 -4.76 2.47
N GLU A 6 -29.91 -4.20 3.26
CA GLU A 6 -29.01 -4.99 4.08
C GLU A 6 -29.68 -5.36 5.40
N SER A 7 -29.25 -6.47 5.98
CA SER A 7 -29.79 -6.91 7.25
C SER A 7 -28.78 -7.83 7.92
N GLY A 8 -28.77 -7.80 9.25
CA GLY A 8 -27.88 -8.63 10.03
C GLY A 8 -27.52 -7.99 11.35
N PRO A 9 -26.41 -8.44 11.94
CA PRO A 9 -26.00 -7.89 13.24
C PRO A 9 -25.57 -6.44 13.15
N GLY A 10 -25.83 -5.70 14.23
CA GLY A 10 -25.32 -4.37 14.40
C GLY A 10 -24.11 -4.27 15.30
N LEU A 11 -23.68 -5.40 15.90
CA LEU A 11 -22.53 -5.43 16.78
C LEU A 11 -21.96 -6.84 16.79
N VAL A 12 -20.63 -6.95 16.74
CA VAL A 12 -19.96 -8.23 16.73
C VAL A 12 -18.68 -8.12 17.55
N LYS A 13 -18.51 -9.02 18.52
CA LYS A 13 -17.32 -9.04 19.34
C LYS A 13 -16.07 -9.21 18.47
N PRO A 14 -14.95 -8.59 18.85
CA PRO A 14 -13.71 -8.78 18.10
C PRO A 14 -13.34 -10.26 17.99
N SER A 15 -12.57 -10.57 16.94
CA SER A 15 -12.10 -11.90 16.59
C SER A 15 -13.23 -12.84 16.18
N GLU A 16 -14.48 -12.36 16.10
CA GLU A 16 -15.59 -13.19 15.67
C GLU A 16 -15.78 -13.01 14.16
N THR A 17 -16.95 -13.37 13.64
CA THR A 17 -17.19 -13.36 12.20
C THR A 17 -18.42 -12.50 11.90
N LEU A 18 -18.24 -11.50 11.04
CA LEU A 18 -19.35 -10.66 10.58
C LEU A 18 -20.11 -11.38 9.49
N SER A 19 -21.45 -11.33 9.56
CA SER A 19 -22.31 -12.06 8.64
C SER A 19 -23.53 -11.19 8.31
N LEU A 20 -23.44 -10.45 7.20
CA LEU A 20 -24.53 -9.63 6.71
C LEU A 20 -25.09 -10.23 5.42
N THR A 21 -26.36 -9.93 5.15
CA THR A 21 -27.01 -10.37 3.92
C THR A 21 -27.80 -9.21 3.33
N CYS A 22 -28.00 -9.25 2.02
CA CYS A 22 -28.67 -8.21 1.27
C CYS A 22 -29.82 -8.84 0.48
N THR A 23 -31.01 -8.28 0.62
CA THR A 23 -32.21 -8.80 -0.01
C THR A 23 -32.61 -7.89 -1.18
N VAL A 24 -32.83 -8.50 -2.34
CA VAL A 24 -33.14 -7.76 -3.56
C VAL A 24 -34.63 -7.86 -3.84
N SER A 25 -35.32 -6.72 -3.82
CA SER A 25 -36.73 -6.63 -4.16
C SER A 25 -36.92 -5.68 -5.32
N GLY A 26 -37.80 -6.04 -6.25
CA GLY A 26 -37.98 -5.31 -7.49
C GLY A 26 -37.22 -5.90 -8.66
N GLY A 27 -36.38 -6.90 -8.43
CA GLY A 27 -35.64 -7.55 -9.49
C GLY A 27 -35.09 -8.87 -8.98
N SER A 28 -34.38 -9.56 -9.86
CA SER A 28 -33.79 -10.85 -9.54
C SER A 28 -32.26 -10.74 -9.50
N ILE A 29 -31.63 -11.75 -8.91
CA ILE A 29 -30.18 -11.85 -8.96
C ILE A 29 -29.71 -11.96 -10.41
N SER A 30 -30.26 -12.93 -11.13
CA SER A 30 -30.04 -13.10 -12.58
C SER A 30 -28.54 -13.25 -12.83
N SER A 31 -27.97 -12.55 -13.80
CA SER A 31 -26.55 -12.65 -14.11
C SER A 31 -25.79 -11.39 -13.70
N TYR A 32 -26.37 -10.55 -12.85
CA TYR A 32 -25.73 -9.30 -12.48
C TYR A 32 -24.65 -9.54 -11.43
N TYR A 33 -23.80 -8.53 -11.25
CA TYR A 33 -22.75 -8.54 -10.25
C TYR A 33 -23.23 -7.83 -8.99
N TRP A 34 -23.12 -8.50 -7.85
CA TRP A 34 -23.65 -8.02 -6.58
C TRP A 34 -22.49 -7.84 -5.60
N SER A 35 -22.22 -6.60 -5.24
CA SER A 35 -21.03 -6.21 -4.49
C SER A 35 -21.34 -5.97 -3.02
N TRP A 36 -20.27 -5.86 -2.25
CA TRP A 36 -20.30 -5.40 -0.87
C TRP A 36 -19.28 -4.28 -0.72
N ILE A 37 -19.72 -3.15 -0.18
CA ILE A 37 -18.86 -1.98 0.03
C ILE A 37 -19.03 -1.51 1.45
N ARG A 38 -17.93 -1.12 2.10
CA ARG A 38 -17.96 -0.63 3.46
C ARG A 38 -17.29 0.73 3.54
N GLN A 39 -17.69 1.50 4.55
CA GLN A 39 -17.16 2.84 4.76
C GLN A 39 -17.12 3.14 6.25
N PRO A 40 -15.93 3.25 6.84
CA PRO A 40 -15.84 3.58 8.27
C PRO A 40 -16.41 4.96 8.54
N PRO A 41 -16.87 5.22 9.78
CA PRO A 41 -17.43 6.54 10.09
C PRO A 41 -16.44 7.66 9.85
N GLY A 42 -16.72 8.50 8.86
CA GLY A 42 -15.88 9.63 8.52
C GLY A 42 -14.76 9.33 7.55
N LYS A 43 -14.64 8.10 7.06
CA LYS A 43 -13.58 7.74 6.14
C LYS A 43 -14.16 7.41 4.76
N GLY A 44 -13.32 6.84 3.90
CA GLY A 44 -13.70 6.60 2.52
C GLY A 44 -14.24 5.20 2.29
N LEU A 45 -14.75 5.00 1.06
CA LEU A 45 -15.32 3.72 0.68
C LEU A 45 -14.23 2.69 0.41
N GLU A 46 -14.55 1.43 0.69
CA GLU A 46 -13.64 0.33 0.43
C GLU A 46 -14.43 -0.83 -0.17
N TRP A 47 -14.02 -1.27 -1.35
CA TRP A 47 -14.68 -2.37 -2.02
C TRP A 47 -14.26 -3.71 -1.40
N ILE A 48 -15.23 -4.54 -1.07
CA ILE A 48 -14.98 -5.83 -0.44
C ILE A 48 -14.93 -6.95 -1.46
N GLY A 49 -15.92 -7.01 -2.34
CA GLY A 49 -15.99 -8.05 -3.35
C GLY A 49 -17.37 -8.13 -3.93
N TYR A 50 -17.50 -8.95 -4.97
CA TYR A 50 -18.81 -9.19 -5.58
C TYR A 50 -18.92 -10.64 -6.01
N ILE A 51 -20.16 -11.05 -6.31
CA ILE A 51 -20.47 -12.39 -6.76
C ILE A 51 -21.40 -12.28 -7.96
N TYR A 52 -21.29 -13.24 -8.88
CA TYR A 52 -22.05 -13.17 -10.12
C TYR A 52 -22.43 -14.56 -10.65
N TYR A 53 -22.28 -14.77 -11.95
CA TYR A 53 -22.74 -16.01 -12.55
C TYR A 53 -21.94 -17.20 -12.02
N SER A 54 -22.64 -18.33 -11.84
CA SER A 54 -22.07 -19.55 -11.26
C SER A 54 -21.47 -19.33 -9.88
N GLY A 55 -21.93 -18.31 -9.16
CA GLY A 55 -21.36 -18.01 -7.86
C GLY A 55 -19.90 -17.61 -7.89
N SER A 56 -19.38 -17.22 -9.06
CA SER A 56 -17.99 -16.82 -9.15
C SER A 56 -17.73 -15.58 -8.31
N THR A 57 -16.46 -15.41 -7.92
CA THR A 57 -16.12 -14.41 -6.90
C THR A 57 -14.91 -13.61 -7.31
N ASN A 58 -14.83 -12.41 -6.74
CA ASN A 58 -13.65 -11.56 -6.79
C ASN A 58 -13.60 -10.79 -5.48
N TYR A 59 -12.45 -10.83 -4.81
CA TYR A 59 -12.28 -10.19 -3.51
C TYR A 59 -11.16 -9.17 -3.55
N ASN A 60 -11.29 -8.15 -2.71
CA ASN A 60 -10.18 -7.25 -2.46
C ASN A 60 -9.07 -8.04 -1.79
N PRO A 61 -7.87 -8.12 -2.38
CA PRO A 61 -6.81 -8.94 -1.78
C PRO A 61 -6.42 -8.51 -0.38
N SER A 62 -6.72 -7.27 0.02
CA SER A 62 -6.41 -6.84 1.38
C SER A 62 -7.27 -7.59 2.40
N LEU A 63 -8.51 -7.90 2.03
CA LEU A 63 -9.42 -8.63 2.90
C LEU A 63 -9.64 -10.06 2.44
N LYS A 64 -8.99 -10.49 1.36
CA LYS A 64 -9.23 -11.80 0.78
C LYS A 64 -8.98 -12.93 1.79
N SER A 65 -8.07 -12.72 2.74
CA SER A 65 -7.76 -13.76 3.71
C SER A 65 -8.93 -14.11 4.61
N ARG A 66 -9.90 -13.20 4.77
CA ARG A 66 -10.96 -13.35 5.75
C ARG A 66 -12.37 -13.27 5.19
N VAL A 67 -12.54 -12.92 3.91
CA VAL A 67 -13.85 -12.62 3.33
C VAL A 67 -14.39 -13.85 2.62
N THR A 68 -15.71 -14.02 2.70
CA THR A 68 -16.42 -15.05 1.94
C THR A 68 -17.80 -14.51 1.58
N ILE A 69 -18.08 -14.40 0.29
CA ILE A 69 -19.36 -13.91 -0.20
C ILE A 69 -20.10 -15.06 -0.87
N SER A 70 -21.37 -15.23 -0.53
CA SER A 70 -22.20 -16.29 -1.10
C SER A 70 -23.45 -15.67 -1.70
N VAL A 71 -24.20 -16.50 -2.42
CA VAL A 71 -25.45 -16.08 -3.06
C VAL A 71 -26.45 -17.22 -2.93
N ASP A 72 -27.73 -16.87 -2.92
CA ASP A 72 -28.82 -17.84 -2.86
C ASP A 72 -29.88 -17.39 -3.85
N THR A 73 -29.93 -18.04 -5.01
CA THR A 73 -30.85 -17.63 -6.07
C THR A 73 -32.31 -17.82 -5.66
N SER A 74 -32.58 -18.79 -4.79
CA SER A 74 -33.95 -19.07 -4.39
C SER A 74 -34.53 -17.90 -3.58
N LYS A 75 -33.79 -17.43 -2.58
CA LYS A 75 -34.29 -16.37 -1.71
C LYS A 75 -34.08 -14.98 -2.29
N ASN A 76 -33.46 -14.87 -3.46
CA ASN A 76 -33.12 -13.58 -4.06
C ASN A 76 -32.28 -12.74 -3.10
N GLN A 77 -31.14 -13.29 -2.71
CA GLN A 77 -30.30 -12.65 -1.72
C GLN A 77 -28.86 -13.11 -1.91
N PHE A 78 -27.93 -12.31 -1.38
CA PHE A 78 -26.52 -12.67 -1.31
C PHE A 78 -25.95 -12.13 -0.01
N SER A 79 -24.96 -12.84 0.54
CA SER A 79 -24.51 -12.60 1.89
C SER A 79 -23.01 -12.35 1.93
N LEU A 80 -22.56 -11.70 3.00
CA LEU A 80 -21.15 -11.44 3.26
C LEU A 80 -20.73 -12.17 4.52
N LYS A 81 -19.51 -12.71 4.52
CA LYS A 81 -18.93 -13.38 5.69
C LYS A 81 -17.52 -12.88 5.86
N LEU A 82 -17.29 -12.09 6.92
CA LEU A 82 -15.97 -11.56 7.24
C LEU A 82 -15.53 -12.13 8.59
N SER A 83 -14.39 -12.82 8.60
CA SER A 83 -13.92 -13.54 9.78
C SER A 83 -12.81 -12.77 10.49
N SER A 84 -12.60 -13.13 11.76
CA SER A 84 -11.59 -12.53 12.62
C SER A 84 -11.67 -11.01 12.57
N VAL A 85 -12.87 -10.49 12.83
CA VAL A 85 -13.11 -9.05 12.66
C VAL A 85 -12.35 -8.27 13.73
N THR A 86 -11.72 -7.18 13.31
CA THR A 86 -11.02 -6.27 14.18
C THR A 86 -11.80 -4.97 14.30
N ALA A 87 -11.22 -4.00 15.01
CA ALA A 87 -11.86 -2.69 15.13
C ALA A 87 -11.86 -1.96 13.80
N ALA A 88 -10.92 -2.28 12.91
CA ALA A 88 -10.88 -1.67 11.59
C ALA A 88 -12.03 -2.10 10.69
N ASP A 89 -12.83 -3.06 11.12
CA ASP A 89 -13.99 -3.53 10.36
C ASP A 89 -15.28 -2.86 10.78
N THR A 90 -15.22 -1.94 11.75
CA THR A 90 -16.38 -1.15 12.12
C THR A 90 -16.66 -0.12 11.02
N ALA A 91 -17.81 -0.25 10.37
CA ALA A 91 -18.13 0.60 9.22
C ALA A 91 -19.60 0.40 8.87
N VAL A 92 -20.08 1.24 7.95
CA VAL A 92 -21.37 1.06 7.32
C VAL A 92 -21.17 0.20 6.08
N TYR A 93 -21.93 -0.89 5.98
CA TYR A 93 -21.75 -1.88 4.92
C TYR A 93 -22.87 -1.75 3.90
N TYR A 94 -22.50 -1.53 2.64
CA TYR A 94 -23.44 -1.39 1.54
C TYR A 94 -23.40 -2.61 0.64
N CYS A 95 -24.55 -2.91 0.03
CA CYS A 95 -24.61 -3.82 -1.10
C CYS A 95 -25.01 -3.06 -2.35
N ALA A 96 -24.47 -3.48 -3.49
CA ALA A 96 -24.70 -2.79 -4.75
C ALA A 96 -24.75 -3.80 -5.89
N ARG A 97 -25.17 -3.31 -7.06
CA ARG A 97 -25.35 -4.12 -8.24
C ARG A 97 -24.71 -3.44 -9.45
N ASP A 98 -24.03 -4.24 -10.27
CA ASP A 98 -23.52 -3.80 -11.56
C ASP A 98 -24.49 -4.23 -12.64
N TYR A 99 -25.13 -3.26 -13.30
CA TYR A 99 -26.08 -3.52 -14.37
C TYR A 99 -25.36 -3.32 -15.70
N TYR A 100 -24.80 -4.41 -16.23
CA TYR A 100 -24.04 -4.40 -17.48
C TYR A 100 -22.90 -3.39 -17.42
N GLN A 101 -23.02 -2.29 -18.16
CA GLN A 101 -21.93 -1.32 -18.20
C GLN A 101 -21.97 -0.31 -17.06
N LEU A 102 -23.04 -0.29 -16.27
CA LEU A 102 -23.16 0.65 -15.16
C LEU A 102 -22.76 -0.06 -13.86
N PRO A 103 -21.59 0.23 -13.30
CA PRO A 103 -21.18 -0.46 -12.06
C PRO A 103 -21.76 0.22 -10.83
N MET A 104 -22.30 -0.60 -9.93
CA MET A 104 -22.84 -0.12 -8.65
C MET A 104 -23.89 0.96 -8.88
N ASP A 105 -24.82 0.69 -9.80
CA ASP A 105 -25.81 1.67 -10.18
C ASP A 105 -26.92 1.82 -9.14
N VAL A 106 -27.15 0.80 -8.32
CA VAL A 106 -28.14 0.83 -7.26
C VAL A 106 -27.49 0.37 -5.97
N TRP A 107 -27.63 1.17 -4.91
CA TRP A 107 -27.06 0.87 -3.60
C TRP A 107 -28.16 0.64 -2.59
N GLY A 108 -27.82 -0.06 -1.51
CA GLY A 108 -28.69 -0.19 -0.37
C GLY A 108 -28.52 0.95 0.60
N GLN A 109 -29.31 0.92 1.67
CA GLN A 109 -29.22 1.98 2.68
C GLN A 109 -27.95 1.89 3.50
N GLY A 110 -27.33 0.72 3.57
CA GLY A 110 -26.14 0.54 4.38
C GLY A 110 -26.49 0.33 5.85
N THR A 111 -26.02 -0.78 6.42
CA THR A 111 -26.26 -1.09 7.82
C THR A 111 -24.98 -0.85 8.62
N THR A 112 -25.12 -0.18 9.76
CA THR A 112 -23.99 0.14 10.61
C THR A 112 -23.63 -1.06 11.46
N VAL A 113 -22.38 -1.50 11.37
CA VAL A 113 -21.85 -2.61 12.17
C VAL A 113 -20.65 -2.08 12.94
N THR A 114 -20.63 -2.36 14.25
CA THR A 114 -19.53 -1.97 15.12
C THR A 114 -18.93 -3.21 15.76
N VAL A 115 -17.60 -3.21 15.90
CA VAL A 115 -16.87 -4.31 16.50
C VAL A 115 -16.40 -3.85 17.88
N SER A 116 -16.96 -4.46 18.93
CA SER A 116 -16.65 -4.05 20.29
C SER A 116 -17.00 -5.18 21.25
N SER A 117 -16.24 -5.26 22.34
CA SER A 117 -16.53 -6.22 23.40
C SER A 117 -17.69 -5.77 24.30
N ALA A 118 -18.09 -4.51 24.21
CA ALA A 118 -19.21 -4.02 25.00
C ALA A 118 -20.50 -4.69 24.57
N SER A 119 -21.51 -4.61 25.44
CA SER A 119 -22.80 -5.23 25.19
C SER A 119 -23.84 -4.21 24.73
N THR A 120 -24.86 -4.71 24.05
CA THR A 120 -25.96 -3.86 23.62
C THR A 120 -26.77 -3.38 24.82
N LYS A 121 -27.31 -2.18 24.70
CA LYS A 121 -28.14 -1.61 25.75
C LYS A 121 -29.14 -0.64 25.14
N GLY A 122 -30.42 -0.84 25.45
CA GLY A 122 -31.46 0.06 25.00
C GLY A 122 -31.35 1.42 25.66
N PRO A 123 -31.89 2.45 25.01
CA PRO A 123 -31.75 3.81 25.52
C PRO A 123 -32.87 4.20 26.46
N SER A 124 -32.53 5.09 27.40
CA SER A 124 -33.51 5.76 28.25
C SER A 124 -33.89 7.08 27.59
N VAL A 125 -35.17 7.23 27.28
CA VAL A 125 -35.66 8.41 26.58
C VAL A 125 -36.36 9.31 27.58
N PHE A 126 -36.12 10.62 27.46
CA PHE A 126 -36.71 11.61 28.34
C PHE A 126 -37.28 12.76 27.51
N PRO A 127 -38.44 13.29 27.90
CA PRO A 127 -39.04 14.39 27.12
C PRO A 127 -38.28 15.69 27.32
N LEU A 128 -38.20 16.47 26.26
CA LEU A 128 -37.60 17.81 26.30
C LEU A 128 -38.76 18.81 26.23
N ALA A 129 -39.23 19.22 27.40
CA ALA A 129 -40.41 20.08 27.47
C ALA A 129 -40.10 21.46 26.89
N PRO A 130 -41.04 22.05 26.14
CA PRO A 130 -40.86 23.37 25.50
C PRO A 130 -40.56 24.48 26.50
N GLY A 138 -43.33 32.95 18.30
CA GLY A 138 -44.53 32.20 18.02
C GLY A 138 -44.29 30.71 17.79
N THR A 139 -43.04 30.38 17.47
CA THR A 139 -42.64 29.00 17.18
C THR A 139 -41.76 28.50 18.31
N ALA A 140 -42.20 27.42 18.97
CA ALA A 140 -41.47 26.81 20.07
C ALA A 140 -40.79 25.53 19.60
N ALA A 141 -39.83 25.07 20.40
CA ALA A 141 -39.02 23.90 20.10
C ALA A 141 -39.20 22.86 21.21
N LEU A 142 -39.43 21.61 20.82
CA LEU A 142 -39.58 20.52 21.76
C LEU A 142 -38.85 19.31 21.19
N GLY A 143 -38.71 18.28 22.01
CA GLY A 143 -38.04 17.08 21.56
C GLY A 143 -37.98 16.02 22.65
N CYS A 144 -37.08 15.07 22.46
CA CYS A 144 -36.88 13.99 23.41
C CYS A 144 -35.42 13.56 23.39
N LEU A 145 -34.88 13.22 24.55
CA LEU A 145 -33.47 12.92 24.72
C LEU A 145 -33.25 11.40 24.74
N VAL A 146 -32.53 10.89 23.74
CA VAL A 146 -32.18 9.48 23.68
C VAL A 146 -30.82 9.33 24.35
N LYS A 147 -30.81 8.80 25.57
CA LYS A 147 -29.60 8.76 26.38
C LYS A 147 -29.22 7.32 26.71
N ASP A 148 -27.90 7.08 26.79
CA ASP A 148 -27.34 5.81 27.21
C ASP A 148 -27.79 4.65 26.34
N TYR A 149 -27.14 4.45 25.19
CA TYR A 149 -27.44 3.31 24.35
C TYR A 149 -26.18 2.89 23.60
N PHE A 150 -26.16 1.61 23.22
CA PHE A 150 -25.03 1.03 22.50
C PHE A 150 -25.52 -0.21 21.78
N PRO A 151 -25.12 -0.43 20.52
CA PRO A 151 -24.38 0.55 19.72
C PRO A 151 -25.30 1.36 18.83
N GLU A 152 -24.72 2.12 17.90
CA GLU A 152 -25.50 2.84 16.92
C GLU A 152 -26.11 1.84 15.93
N PRO A 153 -27.21 2.21 15.27
CA PRO A 153 -27.90 3.51 15.34
C PRO A 153 -29.20 3.51 16.12
N VAL A 154 -29.75 4.71 16.31
CA VAL A 154 -31.09 4.92 16.85
C VAL A 154 -31.85 5.78 15.85
N THR A 155 -33.00 5.29 15.41
CA THR A 155 -33.85 6.01 14.49
C THR A 155 -35.02 6.61 15.25
N VAL A 156 -35.22 7.92 15.11
CA VAL A 156 -36.24 8.66 15.85
C VAL A 156 -37.26 9.18 14.85
N SER A 157 -38.51 8.73 14.99
CA SER A 157 -39.63 9.27 14.24
C SER A 157 -40.50 10.12 15.16
N TRP A 158 -41.35 10.94 14.56
CA TRP A 158 -42.22 11.85 15.30
C TRP A 158 -43.65 11.62 14.86
N ASN A 159 -44.51 11.25 15.82
CA ASN A 159 -45.92 10.92 15.56
C ASN A 159 -46.04 9.86 14.46
N SER A 160 -45.30 8.76 14.66
CA SER A 160 -45.36 7.60 13.77
C SER A 160 -44.96 7.98 12.33
N GLY A 161 -43.89 8.76 12.21
CA GLY A 161 -43.40 9.17 10.91
C GLY A 161 -44.25 10.17 10.18
N ALA A 162 -45.35 10.63 10.77
CA ALA A 162 -46.20 11.62 10.11
C ALA A 162 -45.64 13.03 10.21
N LEU A 163 -44.70 13.28 11.11
CA LEU A 163 -44.10 14.60 11.28
C LEU A 163 -42.70 14.58 10.69
N THR A 164 -42.44 15.48 9.73
CA THR A 164 -41.15 15.49 9.07
C THR A 164 -40.60 16.91 9.00
N SER A 165 -41.49 17.87 8.80
CA SER A 165 -41.08 19.26 8.68
C SER A 165 -40.55 19.77 10.01
N GLY A 166 -39.42 20.47 9.96
CA GLY A 166 -38.84 21.03 11.16
C GLY A 166 -38.20 20.03 12.09
N VAL A 167 -38.00 18.79 11.63
CA VAL A 167 -37.44 17.72 12.45
C VAL A 167 -35.97 17.58 12.14
N HIS A 168 -35.14 17.60 13.19
CA HIS A 168 -33.71 17.40 13.04
C HIS A 168 -33.24 16.49 14.17
N THR A 169 -32.78 15.29 13.80
CA THR A 169 -32.17 14.37 14.76
C THR A 169 -30.66 14.60 14.75
N PHE A 170 -30.14 15.16 15.83
CA PHE A 170 -28.73 15.50 15.90
C PHE A 170 -27.88 14.23 15.94
N PRO A 171 -26.64 14.32 15.43
CA PRO A 171 -25.73 13.18 15.56
C PRO A 171 -25.46 12.86 17.03
N ALA A 172 -25.34 11.57 17.32
CA ALA A 172 -25.13 11.13 18.69
C ALA A 172 -23.78 11.60 19.22
N VAL A 173 -23.66 11.63 20.54
CA VAL A 173 -22.41 11.94 21.21
C VAL A 173 -21.94 10.69 21.93
N LEU A 174 -20.62 10.56 22.06
CA LEU A 174 -20.01 9.40 22.70
C LEU A 174 -19.46 9.82 24.05
N GLN A 175 -20.04 9.27 25.11
CA GLN A 175 -19.61 9.58 26.47
C GLN A 175 -18.44 8.69 26.87
N SER A 176 -17.75 9.10 27.93
CA SER A 176 -16.58 8.35 28.40
C SER A 176 -16.97 6.97 28.90
N SER A 177 -18.21 6.79 29.34
CA SER A 177 -18.69 5.48 29.78
C SER A 177 -18.80 4.48 28.64
N GLY A 178 -18.74 4.92 27.39
CA GLY A 178 -18.91 4.05 26.26
C GLY A 178 -20.31 3.98 25.70
N LEU A 179 -21.22 4.85 26.15
CA LEU A 179 -22.60 4.86 25.71
C LEU A 179 -22.87 6.08 24.85
N TYR A 180 -23.85 5.97 23.97
CA TYR A 180 -24.22 7.05 23.06
C TYR A 180 -25.41 7.82 23.60
N SER A 181 -25.59 9.03 23.07
CA SER A 181 -26.71 9.89 23.45
C SER A 181 -26.93 10.91 22.34
N LEU A 182 -28.20 11.11 21.99
CA LEU A 182 -28.58 12.10 20.99
C LEU A 182 -29.88 12.76 21.40
N SER A 183 -30.33 13.72 20.59
CA SER A 183 -31.58 14.42 20.80
C SER A 183 -32.22 14.71 19.45
N SER A 184 -33.55 14.59 19.39
CA SER A 184 -34.32 14.96 18.23
C SER A 184 -35.23 16.12 18.58
N VAL A 185 -35.32 17.09 17.66
CA VAL A 185 -36.03 18.34 17.93
C VAL A 185 -36.98 18.64 16.78
N VAL A 186 -38.14 19.22 17.10
CA VAL A 186 -39.14 19.60 16.11
C VAL A 186 -39.55 21.04 16.38
N THR A 187 -39.74 21.80 15.31
CA THR A 187 -40.16 23.19 15.41
C THR A 187 -41.65 23.28 15.11
N VAL A 188 -42.42 23.78 16.06
CA VAL A 188 -43.87 23.85 15.89
C VAL A 188 -44.38 25.11 16.58
N PRO A 189 -45.35 25.81 15.99
CA PRO A 189 -45.91 27.00 16.65
C PRO A 189 -46.71 26.66 17.90
N THR A 197 -50.95 17.07 19.98
CA THR A 197 -50.15 16.11 20.73
C THR A 197 -48.92 15.69 19.93
N TYR A 198 -47.78 15.60 20.63
CA TYR A 198 -46.51 15.24 20.00
C TYR A 198 -45.88 14.11 20.78
N ILE A 199 -45.58 13.01 20.10
CA ILE A 199 -44.96 11.84 20.71
C ILE A 199 -43.86 11.34 19.79
N CYS A 200 -42.61 11.40 20.27
CA CYS A 200 -41.49 10.90 19.50
C CYS A 200 -41.35 9.39 19.69
N ASN A 201 -40.92 8.71 18.63
CA ASN A 201 -40.77 7.26 18.63
C ASN A 201 -39.30 6.92 18.40
N VAL A 202 -38.71 6.21 19.35
CA VAL A 202 -37.29 5.86 19.32
C VAL A 202 -37.18 4.37 19.03
N ASN A 203 -36.34 4.03 18.06
CA ASN A 203 -36.15 2.64 17.63
C ASN A 203 -34.69 2.28 17.76
N HIS A 204 -34.39 1.28 18.59
CA HIS A 204 -33.03 0.77 18.74
C HIS A 204 -33.03 -0.68 18.28
N LYS A 205 -32.56 -0.90 17.05
CA LYS A 205 -32.52 -2.25 16.48
C LYS A 205 -31.62 -3.21 17.24
N PRO A 206 -30.38 -2.86 17.59
CA PRO A 206 -29.51 -3.87 18.24
C PRO A 206 -30.06 -4.42 19.55
N SER A 207 -30.87 -3.66 20.27
CA SER A 207 -31.50 -4.14 21.49
C SER A 207 -32.97 -4.46 21.32
N ASN A 208 -33.53 -4.24 20.12
CA ASN A 208 -34.94 -4.50 19.83
C ASN A 208 -35.85 -3.80 20.82
N THR A 209 -35.76 -2.46 20.83
CA THR A 209 -36.56 -1.63 21.72
C THR A 209 -37.18 -0.50 20.93
N LYS A 210 -38.51 -0.43 20.92
CA LYS A 210 -39.26 0.69 20.37
C LYS A 210 -39.94 1.40 21.52
N VAL A 211 -39.50 2.61 21.84
CA VAL A 211 -40.04 3.39 22.96
C VAL A 211 -40.59 4.70 22.42
N ASP A 212 -41.82 5.01 22.80
CA ASP A 212 -42.45 6.28 22.50
C ASP A 212 -42.55 7.11 23.78
N LYS A 213 -42.59 8.43 23.63
CA LYS A 213 -42.63 9.30 24.79
C LYS A 213 -43.46 10.53 24.49
N ARG A 214 -44.44 10.81 25.35
CA ARG A 214 -45.18 12.06 25.24
C ARG A 214 -44.29 13.25 25.58
N VAL A 215 -44.57 14.37 24.96
CA VAL A 215 -43.85 15.62 25.25
C VAL A 215 -44.80 16.55 26.00
N GLU A 216 -44.79 16.47 27.31
CA GLU A 216 -45.72 17.25 28.12
C GLU A 216 -45.19 18.66 28.34
N PRO A 217 -45.96 19.70 28.03
CA PRO A 217 -45.52 21.06 28.37
C PRO A 217 -45.43 21.26 29.87
N LYS A 218 -44.71 22.30 30.26
CA LYS A 218 -44.53 22.62 31.68
C LYS A 218 -44.88 24.07 31.95
N GLN B 1 1.64 2.73 -8.99
CA GLN B 1 0.54 2.78 -8.03
C GLN B 1 -0.35 1.54 -8.09
N SER B 2 -1.15 1.38 -7.05
CA SER B 2 -2.26 0.44 -7.08
C SER B 2 -3.51 1.03 -6.43
N VAL B 3 -3.45 2.26 -5.92
CA VAL B 3 -4.59 2.96 -5.37
C VAL B 3 -4.85 4.20 -6.22
N LEU B 4 -6.00 4.82 -5.98
CA LEU B 4 -6.39 6.05 -6.67
C LEU B 4 -6.28 7.21 -5.69
N THR B 5 -5.67 8.30 -6.14
CA THR B 5 -5.38 9.45 -5.29
C THR B 5 -6.17 10.66 -5.78
N GLN B 6 -7.02 11.20 -4.90
CA GLN B 6 -7.77 12.42 -5.14
C GLN B 6 -7.34 13.51 -4.17
N PRO B 7 -7.51 14.77 -4.54
CA PRO B 7 -7.32 15.83 -3.57
C PRO B 7 -8.37 15.72 -2.46
N PRO B 8 -8.00 16.07 -1.23
CA PRO B 8 -8.93 15.85 -0.11
C PRO B 8 -10.10 16.82 -0.09
N SER B 9 -9.96 17.99 -0.71
CA SER B 9 -11.02 18.98 -0.66
C SER B 9 -11.01 19.80 -1.95
N ALA B 10 -12.12 20.51 -2.17
CA ALA B 10 -12.28 21.39 -3.32
C ALA B 10 -13.42 22.35 -3.04
N SER B 11 -13.40 23.48 -3.75
CA SER B 11 -14.42 24.50 -3.56
C SER B 11 -14.49 25.37 -4.81
N GLY B 12 -15.61 26.08 -4.94
CA GLY B 12 -15.81 26.93 -6.10
C GLY B 12 -17.04 27.80 -5.92
N THR B 13 -17.11 28.82 -6.77
CA THR B 13 -18.22 29.77 -6.80
C THR B 13 -19.38 29.19 -7.61
N PRO B 14 -20.62 29.32 -7.14
CA PRO B 14 -21.76 28.80 -7.90
C PRO B 14 -21.87 29.45 -9.28
N GLY B 15 -22.60 28.75 -10.16
CA GLY B 15 -22.74 29.17 -11.53
C GLY B 15 -21.52 28.97 -12.40
N GLN B 16 -20.39 28.60 -11.83
CA GLN B 16 -19.14 28.44 -12.57
C GLN B 16 -18.71 26.97 -12.57
N ARG B 17 -17.52 26.71 -13.08
CA ARG B 17 -17.03 25.36 -13.33
C ARG B 17 -15.93 24.98 -12.34
N VAL B 18 -15.97 23.74 -11.88
CA VAL B 18 -14.94 23.17 -11.02
C VAL B 18 -14.71 21.73 -11.41
N THR B 19 -13.45 21.29 -11.35
CA THR B 19 -13.08 19.93 -11.72
C THR B 19 -12.38 19.24 -10.55
N ILE B 20 -12.51 17.91 -10.51
CA ILE B 20 -11.87 17.08 -9.51
C ILE B 20 -11.00 16.05 -10.23
N SER B 21 -9.77 15.87 -9.74
CA SER B 21 -8.81 14.98 -10.37
C SER B 21 -8.79 13.61 -9.69
N CYS B 22 -8.19 12.65 -10.39
CA CYS B 22 -8.07 11.28 -9.90
C CYS B 22 -6.88 10.65 -10.59
N SER B 23 -5.86 10.29 -9.81
CA SER B 23 -4.61 9.77 -10.35
C SER B 23 -4.48 8.29 -10.03
N GLY B 24 -4.07 7.50 -11.02
CA GLY B 24 -3.87 6.08 -10.85
C GLY B 24 -2.62 5.58 -11.57
N SER B 25 -2.57 4.28 -11.85
CA SER B 25 -1.45 3.66 -12.52
C SER B 25 -1.93 2.97 -13.80
N SER B 26 -0.99 2.34 -14.51
CA SER B 26 -1.33 1.59 -15.71
C SER B 26 -2.14 0.33 -15.41
N SER B 27 -2.18 -0.11 -14.15
CA SER B 27 -2.94 -1.30 -13.81
C SER B 27 -4.42 -1.01 -13.60
N ASN B 28 -4.79 0.24 -13.38
CA ASN B 28 -6.20 0.60 -13.19
C ASN B 28 -6.69 1.56 -14.26
N ILE B 29 -6.45 2.86 -14.06
CA ILE B 29 -6.96 3.86 -15.01
C ILE B 29 -6.32 3.68 -16.38
N GLY B 30 -5.03 3.37 -16.42
CA GLY B 30 -4.34 3.21 -17.68
C GLY B 30 -4.78 2.02 -18.51
N SER B 31 -5.68 1.19 -17.98
CA SER B 31 -6.12 -0.01 -18.70
C SER B 31 -7.61 -0.28 -18.64
N ASN B 32 -8.36 0.31 -17.71
CA ASN B 32 -9.76 -0.03 -17.52
C ASN B 32 -10.61 1.24 -17.43
N TYR B 33 -11.91 1.05 -17.26
CA TYR B 33 -12.84 2.15 -17.16
C TYR B 33 -12.70 2.87 -15.83
N VAL B 34 -13.13 4.13 -15.82
CA VAL B 34 -13.21 4.93 -14.60
C VAL B 34 -14.66 5.32 -14.38
N TYR B 35 -15.11 5.25 -13.13
CA TYR B 35 -16.47 5.66 -12.78
C TYR B 35 -16.42 6.57 -11.55
N TRP B 36 -17.38 7.49 -11.50
CA TRP B 36 -17.45 8.50 -10.46
C TRP B 36 -18.74 8.38 -9.66
N TYR B 37 -18.67 8.76 -8.38
CA TYR B 37 -19.81 8.64 -7.48
C TYR B 37 -19.89 9.89 -6.60
N GLN B 38 -21.12 10.28 -6.29
CA GLN B 38 -21.40 11.40 -5.39
C GLN B 38 -22.07 10.86 -4.13
N GLN B 39 -21.60 11.28 -2.97
CA GLN B 39 -22.16 10.85 -1.69
C GLN B 39 -22.53 12.08 -0.88
N LEU B 40 -23.83 12.35 -0.79
CA LEU B 40 -24.32 13.38 0.12
C LEU B 40 -24.25 12.87 1.55
N PRO B 41 -24.18 13.79 2.52
CA PRO B 41 -24.08 13.36 3.92
C PRO B 41 -25.26 12.50 4.34
N GLY B 42 -24.95 11.36 4.98
CA GLY B 42 -25.97 10.46 5.48
C GLY B 42 -26.61 9.56 4.45
N THR B 43 -26.17 9.61 3.18
CA THR B 43 -26.77 8.84 2.12
C THR B 43 -25.73 7.93 1.47
N ALA B 44 -26.20 7.04 0.61
CA ALA B 44 -25.33 6.14 -0.12
C ALA B 44 -24.77 6.82 -1.36
N PRO B 45 -23.64 6.35 -1.86
CA PRO B 45 -23.08 6.91 -3.09
C PRO B 45 -24.03 6.76 -4.27
N LYS B 46 -23.94 7.70 -5.20
CA LYS B 46 -24.78 7.74 -6.40
C LYS B 46 -23.89 7.79 -7.63
N LEU B 47 -24.17 6.92 -8.59
CA LEU B 47 -23.35 6.85 -9.81
C LEU B 47 -23.54 8.12 -10.63
N LEU B 48 -22.42 8.80 -10.93
CA LEU B 48 -22.43 10.01 -11.74
C LEU B 48 -21.92 9.76 -13.16
N ILE B 49 -20.81 9.05 -13.30
CA ILE B 49 -20.18 8.81 -14.59
C ILE B 49 -19.76 7.35 -14.65
N TYR B 50 -20.00 6.70 -15.79
CA TYR B 50 -19.53 5.36 -16.05
C TYR B 50 -18.91 5.31 -17.44
N ARG B 51 -18.06 4.30 -17.66
CA ARG B 51 -17.29 4.16 -18.90
C ARG B 51 -16.60 5.47 -19.26
N ASN B 52 -15.85 6.00 -18.29
CA ASN B 52 -15.01 7.19 -18.45
C ASN B 52 -15.82 8.47 -18.61
N ASN B 53 -16.87 8.45 -19.44
CA ASN B 53 -17.56 9.71 -19.73
C ASN B 53 -19.07 9.58 -19.94
N GLN B 54 -19.68 8.43 -19.69
CA GLN B 54 -21.10 8.26 -19.96
C GLN B 54 -21.93 8.62 -18.74
N ARG B 55 -23.10 9.21 -18.98
CA ARG B 55 -23.99 9.70 -17.94
C ARG B 55 -25.19 8.80 -17.80
N PRO B 56 -25.48 8.29 -16.60
CA PRO B 56 -26.75 7.59 -16.39
C PRO B 56 -27.92 8.55 -16.47
N SER B 57 -29.10 7.99 -16.70
CA SER B 57 -30.31 8.79 -16.74
C SER B 57 -30.60 9.40 -15.38
N GLY B 58 -30.98 10.67 -15.38
CA GLY B 58 -31.24 11.42 -14.17
C GLY B 58 -30.09 12.29 -13.70
N VAL B 59 -28.86 11.95 -14.08
CA VAL B 59 -27.72 12.77 -13.69
C VAL B 59 -27.73 14.06 -14.49
N PRO B 60 -27.59 15.23 -13.86
CA PRO B 60 -27.59 16.48 -14.61
C PRO B 60 -26.46 16.53 -15.62
N ASP B 61 -26.74 17.10 -16.79
CA ASP B 61 -25.76 17.17 -17.87
C ASP B 61 -24.60 18.10 -17.54
N ARG B 62 -24.62 18.82 -16.43
CA ARG B 62 -23.50 19.64 -16.03
C ARG B 62 -22.35 18.82 -15.46
N PHE B 63 -22.58 17.55 -15.14
CA PHE B 63 -21.51 16.65 -14.76
C PHE B 63 -20.84 16.08 -16.01
N SER B 64 -19.52 16.06 -16.01
CA SER B 64 -18.75 15.62 -17.17
C SER B 64 -17.49 14.90 -16.71
N GLY B 65 -17.20 13.76 -17.32
CA GLY B 65 -16.01 13.00 -16.98
C GLY B 65 -15.08 12.80 -18.15
N SER B 66 -13.81 12.54 -17.88
CA SER B 66 -12.82 12.33 -18.93
C SER B 66 -11.65 11.54 -18.36
N LYS B 67 -10.89 10.92 -19.25
CA LYS B 67 -9.73 10.14 -18.87
C LYS B 67 -8.68 10.22 -19.97
N SER B 68 -7.42 10.35 -19.56
CA SER B 68 -6.30 10.36 -20.49
C SER B 68 -5.05 9.92 -19.75
N GLY B 69 -4.38 8.90 -20.27
CA GLY B 69 -3.18 8.40 -19.61
C GLY B 69 -3.55 7.54 -18.42
N THR B 70 -2.98 7.89 -17.26
CA THR B 70 -3.28 7.21 -16.01
C THR B 70 -4.07 8.08 -15.05
N SER B 71 -4.68 9.15 -15.55
CA SER B 71 -5.47 10.06 -14.73
C SER B 71 -6.88 10.20 -15.31
N ALA B 72 -7.80 10.59 -14.43
CA ALA B 72 -9.19 10.84 -14.81
C ALA B 72 -9.67 12.10 -14.12
N SER B 73 -10.67 12.73 -14.71
CA SER B 73 -11.17 14.01 -14.22
C SER B 73 -12.70 14.02 -14.24
N LEU B 74 -13.26 14.74 -13.26
CA LEU B 74 -14.71 14.92 -13.16
C LEU B 74 -14.97 16.43 -13.18
N ALA B 75 -15.62 16.90 -14.23
CA ALA B 75 -15.89 18.32 -14.40
C ALA B 75 -17.34 18.63 -14.06
N ILE B 76 -17.56 19.73 -13.34
CA ILE B 76 -18.87 20.17 -12.92
C ILE B 76 -19.04 21.63 -13.36
N SER B 77 -19.89 21.87 -14.35
CA SER B 77 -20.17 23.20 -14.83
C SER B 77 -21.43 23.73 -14.16
N GLY B 78 -21.54 25.07 -14.14
CA GLY B 78 -22.67 25.71 -13.49
C GLY B 78 -22.88 25.23 -12.07
N LEU B 79 -21.91 25.51 -11.21
CA LEU B 79 -21.92 24.96 -9.86
C LEU B 79 -23.16 25.42 -9.09
N ARG B 80 -23.73 24.49 -8.33
CA ARG B 80 -24.91 24.77 -7.53
C ARG B 80 -24.65 24.32 -6.10
N SER B 81 -25.31 25.01 -5.15
CA SER B 81 -25.09 24.71 -3.75
C SER B 81 -25.48 23.27 -3.40
N GLU B 82 -26.37 22.67 -4.18
CA GLU B 82 -26.77 21.28 -3.96
C GLU B 82 -25.70 20.29 -4.40
N ASP B 83 -24.63 20.77 -5.04
CA ASP B 83 -23.51 19.91 -5.43
C ASP B 83 -22.52 19.68 -4.30
N GLU B 84 -22.72 20.33 -3.16
CA GLU B 84 -21.85 20.16 -2.00
C GLU B 84 -21.94 18.72 -1.48
N ALA B 85 -20.90 17.92 -1.74
CA ALA B 85 -20.91 16.52 -1.33
C ALA B 85 -19.50 15.98 -1.46
N ASP B 86 -19.34 14.68 -1.18
CA ASP B 86 -18.09 13.96 -1.38
C ASP B 86 -18.15 13.23 -2.71
N TYR B 87 -17.03 13.25 -3.44
CA TYR B 87 -16.95 12.66 -4.77
C TYR B 87 -15.82 11.63 -4.80
N TYR B 88 -16.15 10.43 -5.28
CA TYR B 88 -15.22 9.32 -5.35
C TYR B 88 -15.01 8.88 -6.79
N CYS B 89 -13.76 8.62 -7.14
CA CYS B 89 -13.44 7.92 -8.38
C CYS B 89 -13.10 6.47 -8.07
N ALA B 90 -13.37 5.59 -9.03
CA ALA B 90 -13.12 4.18 -8.84
C ALA B 90 -12.88 3.52 -10.18
N ALA B 91 -12.19 2.38 -10.14
CA ALA B 91 -11.81 1.67 -11.36
C ALA B 91 -11.41 0.25 -10.99
N TRP B 92 -11.43 -0.62 -11.99
CA TRP B 92 -10.93 -1.97 -11.83
C TRP B 92 -9.40 -1.97 -11.87
N ASP B 93 -8.80 -2.92 -11.16
CA ASP B 93 -7.34 -3.03 -11.09
C ASP B 93 -6.95 -4.44 -11.48
N ASP B 94 -6.06 -4.55 -12.47
CA ASP B 94 -5.60 -5.87 -12.91
C ASP B 94 -4.58 -6.46 -11.95
N SER B 95 -3.78 -5.63 -11.28
CA SER B 95 -2.81 -6.12 -10.32
C SER B 95 -3.50 -6.77 -9.13
N LEU B 96 -4.50 -6.07 -8.58
CA LEU B 96 -5.25 -6.60 -7.44
C LEU B 96 -6.39 -7.53 -7.85
N SER B 97 -6.75 -7.55 -9.13
CA SER B 97 -7.92 -8.28 -9.61
C SER B 97 -9.16 -7.87 -8.83
N GLY B 98 -9.26 -6.58 -8.50
CA GLY B 98 -10.37 -6.07 -7.72
C GLY B 98 -10.61 -4.61 -8.00
N ARG B 99 -11.73 -4.13 -7.48
CA ARG B 99 -12.15 -2.75 -7.67
C ARG B 99 -11.57 -1.86 -6.58
N VAL B 100 -11.05 -0.70 -6.98
CA VAL B 100 -10.34 0.20 -6.08
C VAL B 100 -11.03 1.57 -6.12
N PHE B 101 -11.15 2.21 -4.97
CA PHE B 101 -11.71 3.54 -4.85
C PHE B 101 -10.60 4.58 -4.69
N GLY B 102 -10.99 5.84 -4.90
CA GLY B 102 -10.15 6.95 -4.52
C GLY B 102 -10.44 7.41 -3.09
N GLY B 103 -9.57 8.29 -2.59
CA GLY B 103 -9.74 8.76 -1.23
C GLY B 103 -11.03 9.54 -1.01
N GLY B 104 -11.41 10.33 -2.00
CA GLY B 104 -12.59 11.17 -1.89
C GLY B 104 -12.21 12.63 -1.82
N THR B 105 -13.11 13.49 -2.30
CA THR B 105 -12.88 14.93 -2.39
C THR B 105 -14.07 15.67 -1.81
N LYS B 106 -13.84 16.36 -0.70
CA LYS B 106 -14.88 17.20 -0.11
C LYS B 106 -15.09 18.44 -0.96
N LEU B 107 -16.27 18.57 -1.55
CA LEU B 107 -16.62 19.75 -2.34
C LEU B 107 -17.43 20.71 -1.48
N THR B 108 -17.08 21.99 -1.54
CA THR B 108 -17.75 23.03 -0.77
C THR B 108 -18.18 24.14 -1.72
N VAL B 109 -19.48 24.39 -1.81
CA VAL B 109 -20.02 25.45 -2.63
C VAL B 109 -20.21 26.69 -1.76
N LEU B 110 -19.79 27.84 -2.27
CA LEU B 110 -19.77 29.08 -1.51
C LEU B 110 -20.94 29.97 -1.93
N GLY B 111 -20.96 31.20 -1.43
CA GLY B 111 -22.00 32.14 -1.75
C GLY B 111 -23.25 32.05 -0.91
N GLN B 112 -23.23 31.27 0.17
CA GLN B 112 -24.41 31.16 1.03
C GLN B 112 -24.41 32.28 2.06
N PRO B 113 -25.50 33.07 2.14
CA PRO B 113 -25.56 34.14 3.13
C PRO B 113 -25.29 33.63 4.54
N LYS B 114 -24.72 34.52 5.36
CA LYS B 114 -24.40 34.21 6.75
C LYS B 114 -25.63 34.41 7.62
N ALA B 115 -26.01 33.38 8.35
CA ALA B 115 -27.22 33.42 9.18
C ALA B 115 -26.87 33.12 10.62
N ALA B 116 -27.53 33.84 11.54
CA ALA B 116 -27.28 33.66 12.95
C ALA B 116 -27.94 32.38 13.45
N PRO B 117 -27.38 31.76 14.49
CA PRO B 117 -27.96 30.49 14.98
C PRO B 117 -29.14 30.72 15.91
N SER B 118 -29.99 29.69 15.98
CA SER B 118 -31.10 29.63 16.90
C SER B 118 -30.78 28.58 17.96
N VAL B 119 -30.63 29.02 19.21
CA VAL B 119 -30.18 28.16 20.30
C VAL B 119 -31.33 27.94 21.27
N THR B 120 -31.50 26.69 21.71
CA THR B 120 -32.52 26.32 22.67
C THR B 120 -31.86 25.49 23.77
N LEU B 121 -31.99 25.93 25.01
CA LEU B 121 -31.45 25.23 26.16
C LEU B 121 -32.59 24.56 26.93
N PHE B 122 -32.45 23.26 27.22
CA PHE B 122 -33.50 22.51 27.88
C PHE B 122 -33.10 22.14 29.30
N PRO B 123 -34.01 22.28 30.26
CA PRO B 123 -33.75 21.84 31.62
C PRO B 123 -33.87 20.33 31.72
N PRO B 124 -33.32 19.72 32.78
CA PRO B 124 -33.54 18.29 32.98
C PRO B 124 -35.01 17.97 33.21
N SER B 125 -35.47 16.89 32.59
CA SER B 125 -36.85 16.46 32.76
C SER B 125 -37.10 15.96 34.17
N SER B 126 -38.36 16.04 34.59
CA SER B 126 -38.74 15.50 35.90
C SER B 126 -38.50 14.01 35.97
N GLU B 127 -38.69 13.29 34.86
CA GLU B 127 -38.41 11.86 34.84
C GLU B 127 -36.92 11.59 34.99
N GLU B 128 -36.07 12.43 34.39
CA GLU B 128 -34.64 12.22 34.52
C GLU B 128 -34.17 12.52 35.93
N LEU B 129 -34.65 13.61 36.53
CA LEU B 129 -34.30 13.94 37.91
C LEU B 129 -34.77 12.86 38.87
N GLN B 130 -35.82 12.13 38.51
CA GLN B 130 -36.24 11.00 39.34
C GLN B 130 -35.15 9.94 39.42
N ALA B 131 -34.49 9.66 38.30
CA ALA B 131 -33.55 8.54 38.23
C ALA B 131 -32.19 9.01 38.73
N ASN B 132 -32.20 10.09 39.51
CA ASN B 132 -30.99 10.66 40.07
C ASN B 132 -29.99 11.04 38.99
N LYS B 133 -30.48 11.66 37.91
CA LYS B 133 -29.65 12.14 36.83
C LYS B 133 -30.19 13.47 36.33
N ALA B 134 -29.31 14.30 35.78
CA ALA B 134 -29.72 15.60 35.27
C ALA B 134 -28.83 15.99 34.11
N THR B 135 -29.45 16.28 32.96
CA THR B 135 -28.71 16.68 31.77
C THR B 135 -29.29 17.96 31.21
N LEU B 136 -28.40 18.88 30.84
CA LEU B 136 -28.78 20.11 30.15
C LEU B 136 -28.53 19.92 28.65
N VAL B 137 -29.55 20.18 27.85
CA VAL B 137 -29.50 19.95 26.42
C VAL B 137 -29.54 21.31 25.72
N CYS B 138 -28.41 21.73 25.17
CA CYS B 138 -28.31 22.97 24.43
C CYS B 138 -28.28 22.65 22.93
N LEU B 139 -29.30 23.08 22.21
CA LEU B 139 -29.46 22.75 20.80
C LEU B 139 -29.26 24.00 19.96
N ILE B 140 -28.38 23.90 18.97
CA ILE B 140 -28.04 25.00 18.07
C ILE B 140 -28.40 24.60 16.65
N SER B 141 -28.94 25.55 15.88
CA SER B 141 -29.39 25.23 14.53
C SER B 141 -29.56 26.51 13.73
N ASP B 142 -29.73 26.33 12.41
CA ASP B 142 -30.10 27.40 11.49
C ASP B 142 -29.03 28.49 11.38
N PHE B 143 -27.78 28.09 11.24
CA PHE B 143 -26.69 29.04 11.11
C PHE B 143 -25.76 28.66 9.97
N TYR B 144 -25.08 29.68 9.42
CA TYR B 144 -24.04 29.54 8.42
C TYR B 144 -23.11 30.72 8.61
N PRO B 145 -21.79 30.53 8.53
CA PRO B 145 -21.08 29.26 8.25
C PRO B 145 -21.11 28.24 9.40
N GLY B 146 -20.39 27.15 9.25
CA GLY B 146 -20.40 26.07 10.23
C GLY B 146 -19.31 26.16 11.27
N ALA B 147 -19.13 27.34 11.86
CA ALA B 147 -18.17 27.56 12.94
C ALA B 147 -18.91 28.01 14.17
N VAL B 148 -18.65 27.34 15.30
CA VAL B 148 -19.40 27.57 16.52
C VAL B 148 -18.54 27.15 17.70
N THR B 149 -18.63 27.93 18.78
CA THR B 149 -18.01 27.61 20.06
C THR B 149 -19.08 27.69 21.14
N VAL B 150 -19.08 26.74 22.05
CA VAL B 150 -20.07 26.63 23.12
C VAL B 150 -19.37 26.78 24.46
N ALA B 151 -19.92 27.63 25.32
CA ALA B 151 -19.43 27.83 26.68
C ALA B 151 -20.56 27.62 27.66
N TRP B 152 -20.28 26.90 28.74
CA TRP B 152 -21.27 26.59 29.77
C TRP B 152 -20.94 27.36 31.05
N LYS B 153 -21.95 28.01 31.61
CA LYS B 153 -21.81 28.81 32.82
C LYS B 153 -22.68 28.24 33.93
N ALA B 154 -22.14 28.21 35.14
CA ALA B 154 -22.86 27.75 36.32
C ALA B 154 -22.82 28.88 37.36
N ASP B 155 -23.88 29.67 37.40
CA ASP B 155 -23.95 30.87 38.23
C ASP B 155 -22.75 31.79 37.96
N SER B 156 -22.66 32.20 36.69
CA SER B 156 -21.61 33.09 36.20
C SER B 156 -20.22 32.51 36.38
N SER B 157 -20.10 31.19 36.48
CA SER B 157 -18.82 30.52 36.63
C SER B 157 -18.62 29.52 35.49
N PRO B 158 -17.42 29.50 34.88
CA PRO B 158 -17.20 28.57 33.77
C PRO B 158 -17.15 27.13 34.22
N VAL B 159 -17.57 26.24 33.32
CA VAL B 159 -17.61 24.81 33.58
C VAL B 159 -16.98 24.09 32.40
N LYS B 160 -15.96 23.28 32.68
CA LYS B 160 -15.28 22.50 31.65
C LYS B 160 -15.64 21.03 31.69
N ALA B 161 -15.74 20.45 32.88
CA ALA B 161 -16.06 19.03 33.01
C ALA B 161 -17.52 18.78 32.63
N GLY B 162 -17.79 17.55 32.19
CA GLY B 162 -19.14 17.17 31.82
C GLY B 162 -19.64 17.78 30.54
N VAL B 163 -18.77 18.40 29.75
CA VAL B 163 -19.17 19.03 28.49
C VAL B 163 -18.86 18.07 27.35
N GLU B 164 -19.90 17.68 26.61
CA GLU B 164 -19.77 16.97 25.35
C GLU B 164 -20.50 17.74 24.26
N THR B 165 -19.85 17.90 23.11
CA THR B 165 -20.34 18.74 22.02
C THR B 165 -20.18 18.01 20.70
N THR B 166 -21.00 18.37 19.72
CA THR B 166 -21.02 17.72 18.42
C THR B 166 -20.49 18.65 17.34
N THR B 167 -20.06 18.07 16.23
CA THR B 167 -19.54 18.84 15.12
C THR B 167 -20.71 19.33 14.26
N PRO B 168 -20.70 20.59 13.82
CA PRO B 168 -21.86 21.11 13.07
C PRO B 168 -22.14 20.29 11.82
N SER B 169 -23.39 19.90 11.66
CA SER B 169 -23.85 19.10 10.54
C SER B 169 -24.91 19.87 9.76
N LYS B 170 -25.18 19.39 8.55
CA LYS B 170 -26.12 20.03 7.65
C LYS B 170 -27.54 19.57 7.93
N GLN B 171 -28.49 20.49 7.80
CA GLN B 171 -29.90 20.20 8.01
C GLN B 171 -30.65 20.27 6.68
N SER B 172 -31.98 20.27 6.75
CA SER B 172 -32.78 20.14 5.54
C SER B 172 -32.71 21.39 4.68
N ASN B 173 -32.74 22.57 5.30
CA ASN B 173 -32.65 23.83 4.56
C ASN B 173 -31.22 24.22 4.23
N ASN B 174 -30.29 23.26 4.26
CA ASN B 174 -28.90 23.45 3.86
C ASN B 174 -28.19 24.49 4.72
N LYS B 175 -28.50 24.49 6.01
CA LYS B 175 -27.77 25.26 7.00
C LYS B 175 -27.08 24.28 7.97
N TYR B 176 -26.51 24.83 9.04
CA TYR B 176 -25.76 24.02 9.99
C TYR B 176 -26.46 23.97 11.34
N ALA B 177 -26.18 22.90 12.09
CA ALA B 177 -26.80 22.67 13.39
C ALA B 177 -25.91 21.77 14.20
N ALA B 178 -25.78 22.08 15.49
CA ALA B 178 -24.97 21.27 16.40
C ALA B 178 -25.62 21.28 17.78
N SER B 179 -25.12 20.42 18.66
CA SER B 179 -25.67 20.28 20.00
C SER B 179 -24.54 20.13 21.01
N SER B 180 -24.86 20.47 22.26
CA SER B 180 -23.92 20.34 23.36
C SER B 180 -24.67 19.83 24.58
N TYR B 181 -23.98 19.02 25.40
CA TYR B 181 -24.60 18.35 26.54
C TYR B 181 -23.79 18.63 27.80
N LEU B 182 -24.48 18.75 28.93
CA LEU B 182 -23.84 19.02 30.22
C LEU B 182 -24.38 17.99 31.21
N SER B 183 -23.63 16.91 31.42
CA SER B 183 -24.00 15.94 32.44
C SER B 183 -23.89 16.57 33.82
N LEU B 184 -24.87 16.31 34.67
CA LEU B 184 -24.95 16.97 35.96
C LEU B 184 -25.66 16.06 36.95
N THR B 185 -25.17 16.05 38.18
CA THR B 185 -25.90 15.33 39.21
C THR B 185 -27.03 16.21 39.73
N PRO B 186 -28.16 15.59 40.13
CA PRO B 186 -29.32 16.38 40.57
C PRO B 186 -29.00 17.40 41.65
N GLU B 187 -28.15 17.05 42.61
CA GLU B 187 -27.77 17.99 43.65
C GLU B 187 -27.17 19.26 43.06
N GLN B 188 -26.27 19.10 42.08
CA GLN B 188 -25.62 20.27 41.48
C GLN B 188 -26.62 21.14 40.73
N TRP B 189 -27.62 20.52 40.10
CA TRP B 189 -28.65 21.29 39.41
C TRP B 189 -29.41 22.18 40.39
N LYS B 190 -29.91 21.59 41.48
CA LYS B 190 -30.59 22.36 42.51
C LYS B 190 -29.63 23.30 43.24
N SER B 191 -28.37 22.90 43.39
CA SER B 191 -27.39 23.68 44.12
C SER B 191 -27.25 25.09 43.55
N HIS B 192 -26.74 25.18 42.33
CA HIS B 192 -26.58 26.48 41.70
C HIS B 192 -27.95 27.06 41.35
N ARG B 193 -28.00 28.38 41.27
CA ARG B 193 -29.23 29.11 41.03
C ARG B 193 -29.47 29.41 39.56
N SER B 194 -28.53 29.08 38.68
CA SER B 194 -28.66 29.38 37.26
C SER B 194 -27.58 28.64 36.48
N TYR B 195 -27.97 28.09 35.34
CA TYR B 195 -27.05 27.47 34.40
C TYR B 195 -27.27 28.07 33.02
N SER B 196 -26.18 28.37 32.32
CA SER B 196 -26.24 29.06 31.04
C SER B 196 -25.49 28.30 29.97
N CYS B 197 -25.96 28.45 28.73
CA CYS B 197 -25.30 27.92 27.55
C CYS B 197 -24.94 29.11 26.64
N GLN B 198 -23.66 29.28 26.36
CA GLN B 198 -23.17 30.43 25.60
C GLN B 198 -22.60 29.94 24.28
N VAL B 199 -23.20 30.37 23.18
CA VAL B 199 -22.80 29.97 21.83
C VAL B 199 -22.26 31.19 21.10
N THR B 200 -21.09 31.05 20.51
CA THR B 200 -20.43 32.14 19.79
C THR B 200 -20.23 31.72 18.33
N HIS B 201 -20.59 32.60 17.41
CA HIS B 201 -20.51 32.32 15.98
C HIS B 201 -20.43 33.63 15.23
N GLU B 202 -19.42 33.78 14.37
CA GLU B 202 -19.14 35.04 13.68
C GLU B 202 -18.96 36.18 14.69
N GLY B 203 -18.35 35.85 15.83
CA GLY B 203 -18.12 36.85 16.86
C GLY B 203 -19.37 37.14 17.68
N SER B 204 -20.52 37.08 17.03
CA SER B 204 -21.78 37.24 17.74
C SER B 204 -21.97 36.11 18.74
N THR B 205 -22.69 36.39 19.82
CA THR B 205 -22.86 35.44 20.91
C THR B 205 -24.30 35.44 21.38
N VAL B 206 -24.86 34.23 21.53
CA VAL B 206 -26.18 34.03 22.11
C VAL B 206 -26.02 33.23 23.38
N GLU B 207 -26.79 33.60 24.41
CA GLU B 207 -26.68 32.96 25.72
C GLU B 207 -28.08 32.64 26.23
N LYS B 208 -28.31 31.38 26.58
CA LYS B 208 -29.57 30.91 27.11
C LYS B 208 -29.36 30.43 28.53
N THR B 209 -30.27 30.82 29.42
CA THR B 209 -30.16 30.55 30.85
C THR B 209 -31.32 29.68 31.31
N VAL B 210 -31.03 28.77 32.24
CA VAL B 210 -32.04 27.89 32.82
C VAL B 210 -31.78 27.80 34.33
N ALA B 211 -32.86 27.71 35.10
CA ALA B 211 -32.78 27.67 36.56
C ALA B 211 -33.88 26.77 37.09
N PRO B 212 -33.63 26.06 38.20
CA PRO B 212 -34.64 25.20 38.82
C PRO B 212 -35.60 25.98 39.73
N THR C 6 17.34 -5.81 -28.20
CA THR C 6 17.61 -6.02 -26.79
C THR C 6 16.60 -5.28 -25.92
N ALA C 7 16.57 -3.95 -26.04
CA ALA C 7 15.60 -3.15 -25.32
C ALA C 7 14.21 -3.22 -25.92
N SER C 8 14.05 -3.88 -27.07
CA SER C 8 12.74 -4.00 -27.69
C SER C 8 11.83 -4.91 -26.87
N TRP C 9 10.55 -4.56 -26.84
CA TRP C 9 9.57 -5.39 -26.14
C TRP C 9 9.27 -6.69 -26.88
N PHE C 10 9.57 -6.76 -28.18
CA PHE C 10 9.20 -7.89 -29.00
C PHE C 10 10.43 -8.56 -29.58
N THR C 11 10.25 -9.82 -29.97
CA THR C 11 11.29 -10.54 -30.69
C THR C 11 11.44 -9.97 -32.10
N ALA C 12 12.52 -10.36 -32.77
CA ALA C 12 12.87 -9.76 -34.05
C ALA C 12 12.20 -10.49 -35.20
N LEU C 13 12.21 -9.82 -36.35
CA LEU C 13 11.81 -10.40 -37.63
C LEU C 13 13.06 -10.67 -38.44
N THR C 14 13.31 -11.93 -38.77
CA THR C 14 14.54 -12.32 -39.43
C THR C 14 14.46 -12.09 -40.93
N GLN C 15 15.46 -11.41 -41.48
CA GLN C 15 15.56 -11.18 -42.92
C GLN C 15 16.41 -12.30 -43.51
N HIS C 16 15.78 -13.23 -44.22
CA HIS C 16 16.47 -14.35 -44.83
C HIS C 16 16.89 -14.08 -46.27
N GLY C 17 16.41 -12.99 -46.88
CA GLY C 17 16.76 -12.64 -48.23
C GLY C 17 17.52 -11.34 -48.31
N LYS C 18 17.59 -10.81 -49.53
CA LYS C 18 18.28 -9.54 -49.78
C LYS C 18 17.34 -8.34 -49.75
N GLU C 19 16.06 -8.54 -49.48
CA GLU C 19 15.08 -7.47 -49.47
C GLU C 19 14.91 -6.92 -48.06
N ASP C 20 14.93 -5.60 -47.92
CA ASP C 20 14.75 -4.98 -46.61
C ASP C 20 13.29 -5.09 -46.17
N LEU C 21 13.08 -4.92 -44.87
CA LEU C 21 11.76 -5.05 -44.28
C LEU C 21 10.91 -3.82 -44.61
N LYS C 22 9.82 -4.03 -45.33
CA LYS C 22 8.86 -2.98 -45.63
C LYS C 22 7.47 -3.42 -45.25
N PHE C 23 6.55 -2.45 -45.20
CA PHE C 23 5.15 -2.70 -44.89
C PHE C 23 4.31 -1.64 -45.60
N PRO C 24 3.15 -2.01 -46.13
CA PRO C 24 2.22 -0.99 -46.63
C PRO C 24 1.71 -0.13 -45.46
N ARG C 25 1.08 0.99 -45.82
CA ARG C 25 0.54 1.87 -44.80
C ARG C 25 -0.56 1.15 -44.02
N GLY C 26 -0.51 1.25 -42.70
CA GLY C 26 -1.47 0.62 -41.84
C GLY C 26 -1.09 -0.75 -41.31
N GLN C 27 -0.05 -1.37 -41.84
CA GLN C 27 0.38 -2.71 -41.42
C GLN C 27 1.70 -2.64 -40.66
N GLY C 28 2.03 -3.75 -39.99
CA GLY C 28 3.34 -3.98 -39.42
C GLY C 28 3.41 -3.90 -37.92
N VAL C 29 2.49 -3.20 -37.26
CA VAL C 29 2.60 -2.98 -35.81
C VAL C 29 2.34 -4.30 -35.09
N PRO C 30 3.24 -4.73 -34.20
CA PRO C 30 3.00 -5.97 -33.46
C PRO C 30 1.79 -5.86 -32.55
N ILE C 31 1.18 -7.01 -32.27
CA ILE C 31 -0.03 -7.06 -31.45
C ILE C 31 0.35 -6.99 -29.99
N ASN C 32 -0.33 -6.12 -29.24
CA ASN C 32 -0.10 -5.98 -27.81
C ASN C 32 -1.42 -5.61 -27.16
N THR C 33 -1.98 -6.53 -26.38
CA THR C 33 -3.26 -6.27 -25.72
C THR C 33 -3.13 -5.17 -24.67
N ASN C 34 -1.92 -4.96 -24.13
CA ASN C 34 -1.70 -3.93 -23.14
C ASN C 34 -1.66 -2.52 -23.74
N SER C 35 -1.72 -2.39 -25.05
CA SER C 35 -1.68 -1.10 -25.71
C SER C 35 -3.06 -0.69 -26.21
N SER C 36 -3.23 0.60 -26.44
CA SER C 36 -4.45 1.17 -26.97
C SER C 36 -4.25 1.62 -28.42
N PRO C 37 -5.33 1.85 -29.16
CA PRO C 37 -5.17 2.30 -30.56
C PRO C 37 -4.30 3.54 -30.73
N ASP C 38 -4.17 4.39 -29.70
CA ASP C 38 -3.30 5.54 -29.80
C ASP C 38 -1.82 5.16 -29.80
N ASP C 39 -1.49 3.94 -29.40
CA ASP C 39 -0.11 3.51 -29.23
C ASP C 39 0.43 2.69 -30.39
N GLN C 40 -0.39 2.41 -31.40
CA GLN C 40 -0.01 1.48 -32.46
C GLN C 40 0.78 2.21 -33.55
N ILE C 41 2.00 2.61 -33.20
CA ILE C 41 2.87 3.32 -34.12
C ILE C 41 4.30 3.17 -33.62
N GLY C 42 5.22 2.94 -34.54
CA GLY C 42 6.62 2.77 -34.18
C GLY C 42 7.48 2.54 -35.39
N TYR C 43 8.68 2.00 -35.15
CA TYR C 43 9.64 1.76 -36.21
C TYR C 43 10.36 0.44 -35.96
N TYR C 44 11.08 -0.02 -36.98
CA TYR C 44 11.93 -1.20 -36.90
C TYR C 44 13.38 -0.78 -37.11
N ARG C 45 14.28 -1.34 -36.31
CA ARG C 45 15.71 -1.06 -36.43
C ARG C 45 16.44 -2.33 -36.81
N ARG C 46 17.35 -2.22 -37.77
CA ARG C 46 18.11 -3.36 -38.24
C ARG C 46 19.44 -3.49 -37.50
N LEU C 61 24.20 -16.11 -39.26
CA LEU C 61 24.22 -14.67 -39.51
C LEU C 61 23.08 -14.28 -40.46
N SER C 62 22.27 -13.33 -40.03
CA SER C 62 21.16 -12.81 -40.82
C SER C 62 20.64 -11.52 -40.21
N PRO C 63 20.43 -10.47 -41.01
CA PRO C 63 19.90 -9.21 -40.46
C PRO C 63 18.57 -9.41 -39.75
N ARG C 64 18.41 -8.73 -38.62
CA ARG C 64 17.21 -8.79 -37.81
C ARG C 64 16.65 -7.40 -37.59
N TRP C 65 15.32 -7.32 -37.47
CA TRP C 65 14.61 -6.05 -37.30
C TRP C 65 13.81 -6.11 -36.01
N TYR C 66 14.00 -5.12 -35.14
CA TYR C 66 13.33 -5.05 -33.86
C TYR C 66 12.38 -3.86 -33.84
N PHE C 67 11.16 -4.09 -33.35
CA PHE C 67 10.16 -3.03 -33.29
C PHE C 67 10.35 -2.19 -32.04
N TYR C 68 10.28 -0.86 -32.22
CA TYR C 68 10.31 0.09 -31.11
C TYR C 68 9.16 1.08 -31.29
N TYR C 69 8.44 1.35 -30.21
CA TYR C 69 7.35 2.33 -30.29
C TYR C 69 7.90 3.71 -30.59
N LEU C 70 7.04 4.55 -31.17
CA LEU C 70 7.44 5.90 -31.55
C LEU C 70 7.93 6.69 -30.34
N GLY C 71 9.12 7.25 -30.45
CA GLY C 71 9.70 8.00 -29.36
C GLY C 71 10.43 7.18 -28.33
N THR C 72 10.63 5.88 -28.58
CA THR C 72 11.34 5.00 -27.67
C THR C 72 12.47 4.30 -28.41
N GLY C 73 13.36 3.68 -27.65
CA GLY C 73 14.45 2.91 -28.21
C GLY C 73 15.64 3.77 -28.58
N PRO C 74 16.57 3.20 -29.36
CA PRO C 74 17.77 3.95 -29.75
C PRO C 74 17.44 5.16 -30.61
N GLU C 75 16.32 5.16 -31.32
CA GLU C 75 15.96 6.25 -32.20
C GLU C 75 14.76 7.02 -31.65
N ALA C 76 14.81 7.36 -30.37
CA ALA C 76 13.71 8.09 -29.74
C ALA C 76 13.60 9.52 -30.27
N GLY C 77 14.65 10.06 -30.87
CA GLY C 77 14.65 11.41 -31.36
C GLY C 77 14.22 11.59 -32.80
N LEU C 78 13.92 10.51 -33.52
CA LEU C 78 13.51 10.64 -34.90
C LEU C 78 11.99 10.79 -34.99
N PRO C 79 11.49 11.82 -35.67
CA PRO C 79 10.05 11.90 -35.91
C PRO C 79 9.62 10.88 -36.95
N TYR C 80 8.32 10.59 -36.95
CA TYR C 80 7.79 9.59 -37.88
C TYR C 80 8.01 10.04 -39.32
N GLY C 81 8.51 9.12 -40.14
CA GLY C 81 8.81 9.42 -41.53
C GLY C 81 10.27 9.70 -41.80
N ALA C 82 11.08 9.93 -40.77
CA ALA C 82 12.51 10.15 -40.96
C ALA C 82 13.15 8.92 -41.59
N ASN C 83 13.52 9.02 -42.87
CA ASN C 83 13.99 7.86 -43.63
C ASN C 83 15.50 7.76 -43.53
N LYS C 84 15.97 6.95 -42.59
CA LYS C 84 17.35 6.55 -42.48
C LYS C 84 17.42 5.03 -42.64
N ASP C 85 18.36 4.55 -43.45
CA ASP C 85 18.44 3.11 -43.70
C ASP C 85 18.71 2.35 -42.41
N GLY C 86 18.24 1.12 -42.38
CA GLY C 86 18.15 0.37 -41.14
C GLY C 86 16.95 0.71 -40.30
N ILE C 87 16.14 1.67 -40.72
CA ILE C 87 14.94 2.11 -39.99
C ILE C 87 13.80 2.21 -40.98
N ILE C 88 12.69 1.54 -40.67
CA ILE C 88 11.46 1.66 -41.43
C ILE C 88 10.31 1.94 -40.46
N TRP C 89 9.29 2.62 -40.96
CA TRP C 89 8.22 3.13 -40.11
C TRP C 89 6.92 2.38 -40.38
N VAL C 90 6.17 2.11 -39.31
CA VAL C 90 4.88 1.46 -39.38
C VAL C 90 3.92 2.20 -38.46
N ALA C 91 2.63 2.18 -38.83
CA ALA C 91 1.62 2.89 -38.05
C ALA C 91 0.24 2.34 -38.40
N THR C 92 -0.46 1.83 -37.40
CA THR C 92 -1.85 1.42 -37.58
C THR C 92 -2.75 2.64 -37.63
N GLU C 93 -3.74 2.60 -38.52
CA GLU C 93 -4.67 3.71 -38.66
C GLU C 93 -5.37 4.00 -37.34
N GLY C 94 -5.38 5.27 -36.94
CA GLY C 94 -5.91 5.67 -35.66
C GLY C 94 -4.86 5.94 -34.60
N ALA C 95 -3.59 5.72 -34.90
CA ALA C 95 -2.53 5.97 -33.94
C ALA C 95 -2.12 7.43 -33.96
N LEU C 96 -1.66 7.91 -32.81
CA LEU C 96 -1.25 9.30 -32.64
C LEU C 96 0.26 9.42 -32.82
N ASN C 97 0.69 10.60 -33.30
CA ASN C 97 2.10 10.88 -33.52
C ASN C 97 2.68 11.55 -32.27
N THR C 98 2.83 10.74 -31.22
CA THR C 98 3.37 11.19 -29.95
C THR C 98 4.38 10.17 -29.45
N PRO C 99 5.39 10.61 -28.69
CA PRO C 99 6.31 9.64 -28.08
C PRO C 99 5.61 8.76 -27.07
N LYS C 100 5.89 7.47 -27.14
CA LYS C 100 5.27 6.50 -26.24
C LYS C 100 6.12 6.26 -24.99
N ASP C 101 6.46 7.35 -24.30
CA ASP C 101 7.29 7.25 -23.11
C ASP C 101 6.58 6.56 -21.95
N HIS C 102 5.26 6.43 -22.01
CA HIS C 102 4.52 5.66 -21.01
C HIS C 102 4.63 4.16 -21.26
N ILE C 103 5.13 3.74 -22.42
CA ILE C 103 5.39 2.34 -22.71
C ILE C 103 6.87 2.01 -22.56
N GLY C 104 7.74 2.87 -23.09
CA GLY C 104 9.17 2.73 -22.92
C GLY C 104 9.75 1.49 -23.60
N THR C 105 10.94 1.12 -23.14
CA THR C 105 11.66 -0.04 -23.64
C THR C 105 11.73 -1.11 -22.56
N ARG C 106 12.31 -2.24 -22.91
CA ARG C 106 12.35 -3.41 -22.03
C ARG C 106 13.73 -3.55 -21.39
N ASN C 107 13.73 -3.86 -20.10
CA ASN C 107 14.95 -4.23 -19.40
C ASN C 107 15.09 -5.74 -19.41
N PRO C 108 16.12 -6.29 -20.03
CA PRO C 108 16.24 -7.76 -20.10
C PRO C 108 16.37 -8.44 -18.75
N ALA C 109 16.67 -7.69 -17.69
CA ALA C 109 16.72 -8.24 -16.34
C ALA C 109 15.36 -8.25 -15.66
N ASN C 110 14.33 -7.66 -16.27
CA ASN C 110 13.01 -7.59 -15.67
C ASN C 110 12.05 -8.64 -16.22
N ASN C 111 11.89 -8.71 -17.54
CA ASN C 111 10.94 -9.65 -18.14
C ASN C 111 11.40 -9.99 -19.54
N ALA C 112 10.71 -10.96 -20.14
CA ALA C 112 11.06 -11.48 -21.45
C ALA C 112 10.42 -10.67 -22.57
N ALA C 113 11.02 -10.75 -23.75
CA ALA C 113 10.45 -10.13 -24.92
C ALA C 113 9.20 -10.87 -25.36
N ILE C 114 8.24 -10.12 -25.89
CA ILE C 114 7.00 -10.71 -26.37
C ILE C 114 7.23 -11.28 -27.75
N VAL C 115 6.62 -12.44 -28.03
CA VAL C 115 6.72 -13.03 -29.36
C VAL C 115 5.97 -12.14 -30.34
N LEU C 116 6.67 -11.70 -31.39
CA LEU C 116 6.07 -10.78 -32.35
C LEU C 116 5.02 -11.51 -33.17
N GLN C 117 3.76 -11.09 -33.04
CA GLN C 117 2.65 -11.68 -33.76
C GLN C 117 1.92 -10.60 -34.54
N LEU C 118 1.66 -10.87 -35.82
CA LEU C 118 0.94 -9.95 -36.68
C LEU C 118 -0.41 -10.53 -37.06
N PRO C 119 -1.44 -9.69 -37.23
CA PRO C 119 -2.78 -10.21 -37.48
C PRO C 119 -2.89 -10.87 -38.85
N GLN C 120 -3.98 -11.63 -39.02
CA GLN C 120 -4.25 -12.29 -40.29
C GLN C 120 -4.47 -11.26 -41.38
N GLY C 121 -3.88 -11.51 -42.54
CA GLY C 121 -3.97 -10.59 -43.65
C GLY C 121 -2.84 -9.59 -43.75
N THR C 122 -1.70 -9.87 -43.12
CA THR C 122 -0.55 -8.98 -43.15
C THR C 122 0.35 -9.33 -44.33
N THR C 123 0.92 -8.31 -44.95
CA THR C 123 1.75 -8.47 -46.14
C THR C 123 3.22 -8.28 -45.76
N LEU C 124 4.00 -9.35 -45.86
CA LEU C 124 5.43 -9.36 -45.56
C LEU C 124 6.23 -9.39 -46.85
N PRO C 125 7.37 -8.68 -46.91
CA PRO C 125 8.26 -8.82 -48.06
C PRO C 125 8.83 -10.22 -48.13
N LYS C 126 9.30 -10.59 -49.32
CA LYS C 126 9.85 -11.92 -49.53
C LYS C 126 11.14 -12.10 -48.75
N GLY C 127 11.31 -13.28 -48.17
CA GLY C 127 12.44 -13.56 -47.31
C GLY C 127 12.16 -13.33 -45.83
N PHE C 128 10.91 -13.17 -45.43
CA PHE C 128 10.56 -12.89 -44.05
C PHE C 128 9.57 -13.94 -43.55
N TYR C 129 9.98 -14.69 -42.54
CA TYR C 129 9.15 -15.71 -41.90
C TYR C 129 9.79 -16.12 -40.59
N ALA C 130 9.00 -16.20 -39.53
CA ALA C 130 9.52 -16.51 -38.20
C ALA C 130 10.16 -17.90 -38.17
N THR D 6 -20.84 -11.81 -24.42
CA THR D 6 -21.12 -10.78 -23.44
C THR D 6 -20.05 -10.75 -22.35
N ALA D 7 -19.87 -11.90 -21.68
CA ALA D 7 -18.80 -12.05 -20.70
C ALA D 7 -17.47 -12.41 -21.34
N SER D 8 -17.43 -12.59 -22.66
CA SER D 8 -16.19 -12.95 -23.33
C SER D 8 -15.21 -11.78 -23.32
N TRP D 9 -13.93 -12.11 -23.23
CA TRP D 9 -12.87 -11.11 -23.25
C TRP D 9 -12.62 -10.54 -24.63
N PHE D 10 -13.13 -11.17 -25.68
CA PHE D 10 -12.85 -10.77 -27.05
C PHE D 10 -14.14 -10.46 -27.79
N THR D 11 -13.99 -9.81 -28.94
CA THR D 11 -15.12 -9.54 -29.81
C THR D 11 -15.58 -10.82 -30.50
N ALA D 12 -16.68 -10.71 -31.25
CA ALA D 12 -17.27 -11.88 -31.88
C ALA D 12 -16.72 -12.10 -33.28
N LEU D 13 -16.82 -13.34 -33.74
CA LEU D 13 -16.47 -13.73 -35.11
C LEU D 13 -17.77 -13.97 -35.87
N THR D 14 -18.13 -13.04 -36.74
CA THR D 14 -19.40 -13.10 -37.44
C THR D 14 -19.39 -14.21 -38.48
N GLN D 15 -20.49 -14.96 -38.56
CA GLN D 15 -20.68 -16.02 -39.55
C GLN D 15 -21.55 -15.45 -40.67
N HIS D 16 -20.93 -15.20 -41.82
CA HIS D 16 -21.63 -14.59 -42.94
C HIS D 16 -22.31 -15.61 -43.85
N GLY D 17 -21.62 -16.72 -44.14
CA GLY D 17 -22.15 -17.72 -45.05
C GLY D 17 -23.12 -18.68 -44.41
N LYS D 18 -22.95 -19.97 -44.70
CA LYS D 18 -23.83 -21.01 -44.17
C LYS D 18 -23.11 -22.08 -43.36
N GLU D 19 -21.78 -22.12 -43.40
CA GLU D 19 -21.03 -23.12 -42.65
C GLU D 19 -20.71 -22.61 -41.25
N ASP D 20 -20.37 -23.56 -40.37
CA ASP D 20 -20.09 -23.23 -38.98
C ASP D 20 -18.59 -23.01 -38.78
N LEU D 21 -18.25 -22.51 -37.59
CA LEU D 21 -16.86 -22.15 -37.29
C LEU D 21 -16.05 -23.40 -36.96
N LYS D 22 -14.97 -23.60 -37.70
CA LYS D 22 -14.05 -24.71 -37.48
C LYS D 22 -12.62 -24.22 -37.62
N PHE D 23 -11.71 -24.86 -36.90
CA PHE D 23 -10.27 -24.58 -37.01
C PHE D 23 -9.52 -25.90 -36.98
N PRO D 24 -8.44 -26.02 -37.76
CA PRO D 24 -7.57 -27.19 -37.63
C PRO D 24 -6.85 -27.17 -36.29
N ARG D 25 -6.17 -28.28 -36.00
CA ARG D 25 -5.47 -28.41 -34.73
C ARG D 25 -4.36 -27.37 -34.63
N GLY D 26 -4.23 -26.76 -33.46
CA GLY D 26 -3.22 -25.76 -33.22
C GLY D 26 -3.61 -24.34 -33.56
N GLN D 27 -4.85 -24.11 -33.99
CA GLN D 27 -5.30 -22.77 -34.40
C GLN D 27 -6.63 -22.44 -33.75
N GLY D 28 -7.01 -21.17 -33.85
CA GLY D 28 -8.29 -20.68 -33.36
C GLY D 28 -8.21 -19.83 -32.12
N VAL D 29 -7.14 -19.95 -31.34
CA VAL D 29 -7.03 -19.21 -30.08
C VAL D 29 -6.74 -17.75 -30.37
N PRO D 30 -7.53 -16.81 -29.84
CA PRO D 30 -7.20 -15.40 -30.02
C PRO D 30 -5.95 -15.02 -29.26
N ILE D 31 -5.21 -14.06 -29.82
CA ILE D 31 -3.95 -13.64 -29.22
C ILE D 31 -4.22 -12.81 -27.98
N ASN D 32 -3.50 -13.12 -26.90
CA ASN D 32 -3.63 -12.40 -25.63
C ASN D 32 -2.23 -12.22 -25.06
N THR D 33 -1.76 -10.97 -25.05
CA THR D 33 -0.40 -10.69 -24.61
C THR D 33 -0.23 -10.99 -23.12
N ASN D 34 -1.28 -10.81 -22.33
CA ASN D 34 -1.22 -11.02 -20.89
C ASN D 34 -1.50 -12.46 -20.47
N SER D 35 -1.50 -13.39 -21.43
CA SER D 35 -1.71 -14.81 -21.13
C SER D 35 -0.45 -15.59 -21.46
N SER D 36 -0.29 -16.72 -20.78
CA SER D 36 0.87 -17.59 -20.93
C SER D 36 0.59 -18.65 -21.98
N PRO D 37 1.63 -19.23 -22.59
CA PRO D 37 1.43 -20.36 -23.49
C PRO D 37 0.60 -21.50 -22.89
N ASP D 38 0.57 -21.61 -21.56
CA ASP D 38 -0.32 -22.59 -20.93
C ASP D 38 -1.79 -22.23 -21.09
N ASP D 39 -2.10 -20.93 -21.15
CA ASP D 39 -3.48 -20.48 -21.19
C ASP D 39 -4.12 -20.61 -22.57
N GLN D 40 -3.33 -20.67 -23.64
CA GLN D 40 -3.88 -20.63 -24.99
C GLN D 40 -4.68 -21.87 -25.33
N ILE D 41 -5.88 -21.97 -24.75
CA ILE D 41 -6.77 -23.11 -24.95
C ILE D 41 -8.17 -22.73 -24.47
N GLY D 42 -9.18 -22.96 -25.31
CA GLY D 42 -10.54 -22.58 -24.96
C GLY D 42 -11.58 -23.08 -25.94
N TYR D 43 -12.70 -22.37 -26.03
CA TYR D 43 -13.77 -22.78 -26.93
C TYR D 43 -14.53 -21.56 -27.42
N TYR D 44 -15.26 -21.74 -28.51
CA TYR D 44 -16.17 -20.74 -29.05
C TYR D 44 -17.61 -21.18 -28.80
N ARG D 45 -18.51 -20.20 -28.78
CA ARG D 45 -19.93 -20.44 -28.55
C ARG D 45 -20.75 -19.58 -29.49
N ARG D 46 -21.71 -20.20 -30.17
CA ARG D 46 -22.51 -19.52 -31.18
C ARG D 46 -23.71 -18.84 -30.54
N ALA D 47 -24.12 -17.72 -31.14
CA ALA D 47 -25.28 -16.97 -30.69
C ALA D 47 -25.95 -16.33 -31.90
N THR D 48 -27.28 -16.41 -31.94
CA THR D 48 -28.08 -15.83 -33.00
C THR D 48 -28.89 -14.65 -32.46
N ARG D 49 -29.32 -13.78 -33.37
CA ARG D 49 -29.98 -12.54 -33.01
C ARG D 49 -31.30 -12.40 -33.75
N ARG D 50 -32.29 -11.80 -33.09
CA ARG D 50 -33.60 -11.53 -33.66
C ARG D 50 -33.79 -10.03 -33.73
N ILE D 51 -33.90 -9.49 -34.95
CA ILE D 51 -34.10 -8.07 -35.17
C ILE D 51 -35.51 -7.84 -35.69
N ARG D 52 -35.99 -6.60 -35.54
CA ARG D 52 -37.32 -6.22 -35.96
C ARG D 52 -37.17 -5.05 -36.94
N GLY D 53 -37.21 -5.34 -38.24
CA GLY D 53 -37.03 -4.33 -39.25
C GLY D 53 -38.19 -3.37 -39.34
N GLY D 54 -38.03 -2.37 -40.21
CA GLY D 54 -39.10 -1.40 -40.42
C GLY D 54 -40.38 -2.02 -40.94
N ASP D 55 -40.30 -3.21 -41.53
CA ASP D 55 -41.49 -3.93 -41.95
C ASP D 55 -42.34 -4.40 -40.77
N GLY D 56 -41.84 -4.28 -39.55
CA GLY D 56 -42.54 -4.80 -38.40
C GLY D 56 -42.51 -6.30 -38.28
N LYS D 57 -41.54 -6.96 -38.91
CA LYS D 57 -41.44 -8.41 -38.90
C LYS D 57 -40.07 -8.83 -38.43
N MET D 58 -40.01 -9.87 -37.60
CA MET D 58 -38.76 -10.31 -37.04
C MET D 58 -37.85 -10.87 -38.12
N LYS D 59 -36.56 -10.58 -38.02
CA LYS D 59 -35.57 -11.03 -38.99
C LYS D 59 -34.34 -11.55 -38.27
N ASP D 60 -33.78 -12.64 -38.77
CA ASP D 60 -32.59 -13.26 -38.20
C ASP D 60 -31.34 -12.64 -38.80
N LEU D 61 -30.36 -12.34 -37.94
CA LEU D 61 -29.10 -11.76 -38.35
C LEU D 61 -28.01 -12.82 -38.37
N SER D 62 -26.84 -12.43 -38.86
CA SER D 62 -25.73 -13.38 -38.99
C SER D 62 -25.30 -13.86 -37.61
N PRO D 63 -25.14 -15.17 -37.41
CA PRO D 63 -24.71 -15.67 -36.11
C PRO D 63 -23.29 -15.27 -35.78
N ARG D 64 -23.02 -15.12 -34.48
CA ARG D 64 -21.73 -14.69 -33.98
C ARG D 64 -21.19 -15.73 -33.00
N TRP D 65 -19.86 -15.84 -32.95
CA TRP D 65 -19.18 -16.81 -32.10
C TRP D 65 -18.28 -16.07 -31.12
N TYR D 66 -18.35 -16.47 -29.85
CA TYR D 66 -17.60 -15.82 -28.78
C TYR D 66 -16.63 -16.81 -28.16
N PHE D 67 -15.37 -16.39 -28.00
CA PHE D 67 -14.36 -17.24 -27.40
C PHE D 67 -14.44 -17.19 -25.88
N TYR D 68 -14.28 -18.35 -25.25
CA TYR D 68 -14.20 -18.46 -23.80
C TYR D 68 -13.08 -19.42 -23.46
N TYR D 69 -12.20 -19.00 -22.55
CA TYR D 69 -11.12 -19.87 -22.11
C TYR D 69 -11.68 -21.13 -21.46
N LEU D 70 -10.90 -22.20 -21.49
CA LEU D 70 -11.34 -23.49 -20.99
C LEU D 70 -11.74 -23.39 -19.53
N GLY D 71 -12.85 -24.04 -19.18
CA GLY D 71 -13.37 -24.01 -17.83
C GLY D 71 -14.02 -22.71 -17.43
N THR D 72 -14.30 -21.82 -18.37
CA THR D 72 -14.88 -20.52 -18.07
C THR D 72 -16.01 -20.21 -19.04
N GLY D 73 -16.97 -19.41 -18.56
CA GLY D 73 -18.05 -18.96 -19.39
C GLY D 73 -19.32 -19.78 -19.24
N PRO D 74 -20.22 -19.68 -20.22
CA PRO D 74 -21.48 -20.43 -20.14
C PRO D 74 -21.28 -21.94 -20.09
N GLU D 75 -20.22 -22.45 -20.72
CA GLU D 75 -19.90 -23.88 -20.67
C GLU D 75 -18.65 -24.11 -19.85
N ALA D 76 -18.60 -23.51 -18.66
CA ALA D 76 -17.45 -23.67 -17.78
C ALA D 76 -17.29 -25.11 -17.30
N GLY D 77 -18.40 -25.82 -17.14
CA GLY D 77 -18.35 -27.21 -16.70
C GLY D 77 -18.43 -28.20 -17.85
N LEU D 78 -17.79 -27.88 -18.97
CA LEU D 78 -17.73 -28.75 -20.13
C LEU D 78 -16.29 -29.13 -20.42
N PRO D 79 -15.95 -30.42 -20.43
CA PRO D 79 -14.58 -30.82 -20.76
C PRO D 79 -14.25 -30.50 -22.21
N TYR D 80 -12.95 -30.30 -22.47
CA TYR D 80 -12.50 -30.05 -23.83
C TYR D 80 -12.87 -31.23 -24.73
N GLY D 81 -13.42 -30.92 -25.89
CA GLY D 81 -13.80 -31.94 -26.85
C GLY D 81 -15.21 -32.47 -26.71
N ALA D 82 -15.93 -32.06 -25.66
CA ALA D 82 -17.31 -32.48 -25.49
C ALA D 82 -18.17 -32.00 -26.64
N ASN D 83 -18.55 -32.92 -27.53
CA ASN D 83 -19.31 -32.55 -28.73
C ASN D 83 -20.67 -31.98 -28.33
N LYS D 84 -20.99 -30.80 -28.88
CA LYS D 84 -22.26 -30.13 -28.66
C LYS D 84 -22.48 -29.05 -29.73
N ASP D 85 -23.65 -29.02 -30.36
CA ASP D 85 -23.90 -28.05 -31.42
C ASP D 85 -23.84 -26.64 -30.85
N GLY D 86 -23.17 -25.74 -31.59
CA GLY D 86 -22.97 -24.38 -31.15
C GLY D 86 -21.75 -24.16 -30.31
N ILE D 87 -20.95 -25.19 -30.06
CA ILE D 87 -19.72 -25.09 -29.29
C ILE D 87 -18.61 -25.80 -30.05
N ILE D 88 -17.52 -25.09 -30.34
CA ILE D 88 -16.34 -25.67 -30.97
C ILE D 88 -15.14 -25.33 -30.12
N TRP D 89 -14.11 -26.17 -30.21
CA TRP D 89 -12.96 -26.09 -29.33
C TRP D 89 -11.69 -25.78 -30.11
N VAL D 90 -10.81 -25.01 -29.48
CA VAL D 90 -9.54 -24.61 -30.07
C VAL D 90 -8.45 -24.72 -29.01
N ALA D 91 -7.22 -24.94 -29.46
CA ALA D 91 -6.08 -25.07 -28.56
C ALA D 91 -4.79 -24.86 -29.34
N THR D 92 -3.80 -24.26 -28.68
CA THR D 92 -2.47 -24.10 -29.24
C THR D 92 -1.57 -25.20 -28.68
N GLU D 93 -0.79 -25.82 -29.57
CA GLU D 93 0.06 -26.93 -29.17
C GLU D 93 0.99 -26.52 -28.05
N GLY D 94 0.89 -27.20 -26.91
CA GLY D 94 1.66 -26.87 -25.73
C GLY D 94 0.89 -26.16 -24.64
N ALA D 95 -0.44 -26.25 -24.66
CA ALA D 95 -1.28 -25.60 -23.67
C ALA D 95 -1.89 -26.65 -22.75
N LEU D 96 -2.05 -26.30 -21.47
CA LEU D 96 -2.53 -27.24 -20.48
C LEU D 96 -4.05 -27.31 -20.50
N ASN D 97 -4.57 -28.51 -20.19
CA ASN D 97 -6.02 -28.74 -20.10
C ASN D 97 -6.46 -28.48 -18.66
N THR D 98 -6.37 -27.21 -18.27
CA THR D 98 -6.77 -26.78 -16.94
C THR D 98 -7.74 -25.61 -17.08
N PRO D 99 -8.87 -25.63 -16.38
CA PRO D 99 -9.73 -24.45 -16.33
C PRO D 99 -8.95 -23.22 -15.89
N LYS D 100 -9.01 -22.17 -16.69
CA LYS D 100 -8.23 -20.95 -16.47
C LYS D 100 -9.07 -19.91 -15.74
N ASP D 101 -9.46 -20.25 -14.50
CA ASP D 101 -10.23 -19.32 -13.69
C ASP D 101 -9.40 -18.13 -13.22
N HIS D 102 -8.07 -18.18 -13.33
CA HIS D 102 -7.25 -17.01 -13.07
C HIS D 102 -7.42 -15.95 -14.15
N ILE D 103 -7.97 -16.33 -15.31
CA ILE D 103 -8.33 -15.38 -16.35
C ILE D 103 -9.80 -14.98 -16.25
N GLY D 104 -10.69 -15.96 -16.03
CA GLY D 104 -12.09 -15.64 -15.80
C GLY D 104 -12.79 -15.10 -17.04
N THR D 105 -13.93 -14.47 -16.78
CA THR D 105 -14.71 -13.79 -17.81
C THR D 105 -14.62 -12.29 -17.60
N ARG D 106 -15.21 -11.55 -18.53
CA ARG D 106 -15.12 -10.09 -18.52
C ARG D 106 -16.39 -9.50 -17.94
N ASN D 107 -16.23 -8.44 -17.13
CA ASN D 107 -17.34 -7.66 -16.65
C ASN D 107 -17.49 -6.44 -17.54
N PRO D 108 -18.60 -6.28 -18.25
CA PRO D 108 -18.73 -5.13 -19.17
C PRO D 108 -18.67 -3.78 -18.47
N ALA D 109 -18.78 -3.73 -17.14
CA ALA D 109 -18.63 -2.47 -16.41
C ALA D 109 -17.18 -2.13 -16.10
N ASN D 110 -16.26 -3.07 -16.26
CA ASN D 110 -14.86 -2.87 -15.90
C ASN D 110 -13.98 -2.48 -17.08
N ASN D 111 -14.06 -3.23 -18.18
CA ASN D 111 -13.22 -2.94 -19.34
C ASN D 111 -13.92 -3.43 -20.59
N ALA D 112 -13.35 -3.06 -21.74
CA ALA D 112 -13.92 -3.38 -23.04
C ALA D 112 -13.46 -4.76 -23.51
N ALA D 113 -14.13 -5.25 -24.55
CA ALA D 113 -13.75 -6.52 -25.16
C ALA D 113 -12.53 -6.32 -26.06
N ILE D 114 -11.59 -7.27 -25.97
CA ILE D 114 -10.38 -7.20 -26.78
C ILE D 114 -10.72 -7.50 -28.23
N VAL D 115 -10.10 -6.76 -29.15
CA VAL D 115 -10.30 -7.05 -30.56
C VAL D 115 -9.71 -8.42 -30.87
N LEU D 116 -10.57 -9.33 -31.33
CA LEU D 116 -10.12 -10.70 -31.61
C LEU D 116 -9.20 -10.68 -32.82
N GLN D 117 -7.95 -11.11 -32.61
CA GLN D 117 -6.95 -11.14 -33.67
C GLN D 117 -6.31 -12.52 -33.71
N LEU D 118 -6.17 -13.05 -34.92
CA LEU D 118 -5.50 -14.32 -35.20
C LEU D 118 -4.20 -14.06 -35.93
N PRO D 119 -3.15 -14.84 -35.66
CA PRO D 119 -1.85 -14.56 -36.26
C PRO D 119 -1.86 -14.83 -37.76
N GLN D 120 -0.91 -14.19 -38.44
CA GLN D 120 -0.75 -14.42 -39.86
C GLN D 120 -0.37 -15.87 -40.12
N GLY D 121 -1.07 -16.51 -41.06
CA GLY D 121 -0.97 -17.92 -41.29
C GLY D 121 -2.12 -18.73 -40.73
N THR D 122 -3.17 -18.09 -40.24
CA THR D 122 -4.32 -18.78 -39.70
C THR D 122 -5.34 -19.05 -40.79
N THR D 123 -5.88 -20.26 -40.80
CA THR D 123 -6.84 -20.69 -41.81
C THR D 123 -8.25 -20.52 -41.25
N LEU D 124 -9.06 -19.72 -41.94
CA LEU D 124 -10.45 -19.50 -41.59
C LEU D 124 -11.37 -20.13 -42.63
N PRO D 125 -12.45 -20.77 -42.20
CA PRO D 125 -13.39 -21.37 -43.17
C PRO D 125 -14.10 -20.29 -43.97
N LYS D 126 -14.80 -20.74 -45.00
CA LYS D 126 -15.52 -19.84 -45.89
C LYS D 126 -16.62 -19.10 -45.12
N GLY D 127 -16.85 -17.85 -45.50
CA GLY D 127 -17.85 -17.04 -44.85
C GLY D 127 -17.43 -16.44 -43.53
N PHE D 128 -16.15 -16.51 -43.18
CA PHE D 128 -15.63 -15.95 -41.94
C PHE D 128 -14.51 -14.97 -42.26
N TYR D 129 -14.74 -13.70 -41.95
CA TYR D 129 -13.75 -12.66 -42.17
C TYR D 129 -14.11 -11.45 -41.34
N ALA D 130 -13.10 -10.80 -40.79
CA ALA D 130 -13.32 -9.60 -39.99
C ALA D 130 -13.64 -8.41 -40.89
N GLN E 1 36.39 -6.03 -11.32
CA GLN E 1 37.14 -4.79 -11.51
C GLN E 1 36.20 -3.59 -11.42
N VAL E 2 34.95 -3.78 -11.87
CA VAL E 2 33.95 -2.72 -11.78
C VAL E 2 33.68 -2.44 -10.32
N GLN E 3 33.81 -1.18 -9.91
CA GLN E 3 33.65 -0.78 -8.53
C GLN E 3 32.70 0.41 -8.42
N LEU E 4 31.83 0.36 -7.42
CA LEU E 4 30.87 1.42 -7.12
C LEU E 4 31.16 1.96 -5.73
N GLN E 5 31.04 3.27 -5.56
CA GLN E 5 31.33 3.93 -4.29
C GLN E 5 30.35 5.07 -4.09
N GLU E 6 29.47 4.94 -3.09
CA GLU E 6 28.57 6.02 -2.73
C GLU E 6 29.35 7.14 -2.03
N SER E 7 28.71 8.30 -1.94
CA SER E 7 29.32 9.46 -1.30
C SER E 7 28.25 10.51 -1.06
N GLY E 8 28.51 11.37 -0.08
CA GLY E 8 27.59 12.42 0.26
C GLY E 8 27.55 12.66 1.76
N PRO E 9 26.83 13.69 2.18
CA PRO E 9 26.73 13.98 3.62
C PRO E 9 26.01 12.87 4.36
N GLY E 10 26.58 12.47 5.50
CA GLY E 10 25.95 11.51 6.37
C GLY E 10 24.91 12.08 7.31
N LEU E 11 24.64 13.37 7.20
CA LEU E 11 23.66 14.04 8.06
C LEU E 11 22.92 15.08 7.23
N VAL E 12 21.59 15.10 7.39
CA VAL E 12 20.75 16.08 6.69
C VAL E 12 19.59 16.42 7.60
N LYS E 13 19.34 17.72 7.78
CA LYS E 13 18.26 18.17 8.63
C LYS E 13 16.91 17.79 8.01
N PRO E 14 15.88 17.61 8.83
CA PRO E 14 14.54 17.37 8.28
C PRO E 14 14.09 18.54 7.41
N SER E 15 13.20 18.23 6.47
CA SER E 15 12.64 19.13 5.46
C SER E 15 13.64 19.54 4.40
N GLU E 16 14.87 19.02 4.43
CA GLU E 16 15.91 19.41 3.51
C GLU E 16 16.12 18.32 2.46
N THR E 17 17.09 18.54 1.58
CA THR E 17 17.33 17.67 0.44
C THR E 17 18.52 16.76 0.70
N LEU E 18 18.33 15.46 0.49
CA LEU E 18 19.40 14.48 0.57
C LEU E 18 20.05 14.35 -0.80
N SER E 19 21.37 14.48 -0.84
CA SER E 19 22.13 14.43 -2.10
C SER E 19 23.27 13.44 -1.97
N LEU E 20 23.32 12.47 -2.87
CA LEU E 20 24.40 11.50 -2.92
C LEU E 20 24.83 11.31 -4.37
N THR E 21 26.02 10.75 -4.55
CA THR E 21 26.57 10.47 -5.87
C THR E 21 27.37 9.18 -5.82
N CYS E 22 27.27 8.39 -6.89
CA CYS E 22 27.92 7.09 -7.01
C CYS E 22 28.88 7.15 -8.18
N THR E 23 30.18 7.14 -7.89
CA THR E 23 31.21 7.22 -8.91
C THR E 23 31.62 5.81 -9.34
N VAL E 24 31.67 5.58 -10.65
CA VAL E 24 31.97 4.27 -11.22
C VAL E 24 33.43 4.24 -11.66
N SER E 25 34.16 3.23 -11.20
CA SER E 25 35.53 3.01 -11.63
C SER E 25 35.69 1.56 -12.08
N GLY E 26 36.57 1.36 -13.05
CA GLY E 26 36.70 0.06 -13.68
C GLY E 26 35.68 -0.22 -14.76
N GLY E 27 34.76 0.70 -15.00
CA GLY E 27 33.77 0.55 -16.04
C GLY E 27 33.23 1.90 -16.46
N SER E 28 32.19 1.87 -17.29
CA SER E 28 31.55 3.07 -17.78
C SER E 28 30.05 3.03 -17.47
N ILE E 29 29.45 4.22 -17.44
CA ILE E 29 28.00 4.31 -17.31
C ILE E 29 27.33 3.54 -18.45
N SER E 30 27.65 3.91 -19.68
CA SER E 30 27.29 3.17 -20.90
C SER E 30 25.77 3.03 -20.94
N SER E 31 25.24 1.85 -21.29
CA SER E 31 23.81 1.63 -21.40
C SER E 31 23.25 0.82 -20.24
N TYR E 32 24.02 0.63 -19.19
CA TYR E 32 23.59 -0.15 -18.04
C TYR E 32 22.60 0.65 -17.19
N TYR E 33 21.83 -0.09 -16.38
CA TYR E 33 20.86 0.50 -15.48
C TYR E 33 21.50 0.68 -14.11
N TRP E 34 21.43 1.90 -13.58
CA TRP E 34 22.11 2.28 -12.35
C TRP E 34 21.07 2.66 -11.30
N SER E 35 20.98 1.86 -10.24
CA SER E 35 19.91 1.95 -9.27
C SER E 35 20.39 2.57 -7.97
N TRP E 36 19.43 3.00 -7.16
CA TRP E 36 19.65 3.44 -5.79
C TRP E 36 18.76 2.62 -4.87
N ILE E 37 19.35 2.03 -3.83
CA ILE E 37 18.61 1.23 -2.87
C ILE E 37 19.00 1.68 -1.48
N ARG E 38 18.03 1.66 -0.56
CA ARG E 38 18.26 2.04 0.83
C ARG E 38 17.77 0.95 1.76
N GLN E 39 18.32 0.96 2.98
CA GLN E 39 17.96 -0.01 4.01
C GLN E 39 17.97 0.63 5.38
N PRO E 40 16.81 0.90 5.98
CA PRO E 40 16.75 1.43 7.35
C PRO E 40 17.41 0.48 8.33
N PRO E 41 17.90 0.99 9.47
CA PRO E 41 18.65 0.13 10.40
C PRO E 41 17.80 -1.03 10.90
N GLY E 42 18.26 -2.25 10.58
CA GLY E 42 17.53 -3.44 10.97
C GLY E 42 16.28 -3.71 10.18
N LYS E 43 16.08 -3.04 9.04
CA LYS E 43 14.91 -3.21 8.19
C LYS E 43 15.32 -3.77 6.84
N GLY E 44 14.34 -3.92 5.95
CA GLY E 44 14.58 -4.52 4.66
C GLY E 44 15.03 -3.53 3.60
N LEU E 45 15.36 -4.06 2.43
CA LEU E 45 15.81 -3.25 1.31
C LEU E 45 14.62 -2.60 0.63
N GLU E 46 14.82 -1.37 0.15
CA GLU E 46 13.78 -0.62 -0.55
C GLU E 46 14.37 -0.04 -1.83
N TRP E 47 13.83 -0.46 -2.97
CA TRP E 47 14.29 0.05 -4.26
C TRP E 47 13.73 1.44 -4.49
N ILE E 48 14.62 2.39 -4.77
CA ILE E 48 14.23 3.78 -4.97
C ILE E 48 13.98 4.08 -6.44
N GLY E 49 14.89 3.66 -7.31
CA GLY E 49 14.75 3.92 -8.73
C GLY E 49 16.07 3.70 -9.42
N TYR E 50 16.03 3.74 -10.75
CA TYR E 50 17.25 3.63 -11.53
C TYR E 50 17.18 4.51 -12.77
N ILE E 51 18.36 4.78 -13.33
CA ILE E 51 18.51 5.58 -14.54
C ILE E 51 19.27 4.75 -15.56
N TYR E 52 19.02 5.02 -16.84
CA TYR E 52 19.65 4.22 -17.88
C TYR E 52 19.88 5.03 -19.15
N TYR E 53 19.61 4.43 -20.31
CA TYR E 53 20.03 5.02 -21.59
C TYR E 53 19.35 6.35 -21.83
N SER E 54 20.14 7.33 -22.26
CA SER E 54 19.72 8.70 -22.55
C SER E 54 19.12 9.42 -21.34
N GLY E 55 19.20 8.83 -20.15
CA GLY E 55 18.66 9.47 -18.97
C GLY E 55 17.23 9.13 -18.64
N SER E 56 16.66 8.08 -19.23
CA SER E 56 15.31 7.67 -18.85
C SER E 56 15.30 7.17 -17.41
N THR E 57 14.11 7.16 -16.82
CA THR E 57 13.98 6.95 -15.39
C THR E 57 12.77 6.09 -15.07
N ASN E 58 12.88 5.36 -13.95
CA ASN E 58 11.77 4.63 -13.35
C ASN E 58 11.92 4.75 -11.84
N TYR E 59 10.94 5.36 -11.19
CA TYR E 59 11.01 5.65 -9.77
C TYR E 59 10.02 4.79 -8.99
N ASN E 60 10.36 4.53 -7.72
CA ASN E 60 9.41 3.92 -6.81
C ASN E 60 8.26 4.90 -6.58
N PRO E 61 7.02 4.53 -6.89
CA PRO E 61 5.91 5.49 -6.74
C PRO E 61 5.72 5.98 -5.31
N SER E 62 6.20 5.26 -4.30
CA SER E 62 6.14 5.76 -2.93
C SER E 62 7.05 6.96 -2.73
N LEU E 63 8.15 7.03 -3.49
CA LEU E 63 9.09 8.14 -3.39
C LEU E 63 9.14 8.99 -4.65
N LYS E 64 8.30 8.70 -5.65
CA LYS E 64 8.41 9.37 -6.94
C LYS E 64 8.20 10.88 -6.81
N SER E 65 7.48 11.32 -5.78
CA SER E 65 7.21 12.74 -5.61
C SER E 65 8.40 13.52 -5.07
N ARG E 66 9.32 12.86 -4.37
N ARG E 66 9.34 12.85 -4.42
CA ARG E 66 10.45 13.53 -3.74
CA ARG E 66 10.44 13.51 -3.73
C ARG E 66 11.81 13.14 -4.31
C ARG E 66 11.81 13.15 -4.30
N VAL E 67 11.88 12.21 -5.24
CA VAL E 67 13.14 11.65 -5.69
C VAL E 67 13.52 12.22 -7.07
N THR E 68 14.83 12.28 -7.33
CA THR E 68 15.36 12.63 -8.63
C THR E 68 16.73 11.96 -8.78
N ILE E 69 16.94 11.28 -9.91
CA ILE E 69 18.19 10.61 -10.20
C ILE E 69 18.76 11.20 -11.49
N SER E 70 20.02 11.66 -11.42
CA SER E 70 20.71 12.22 -12.57
C SER E 70 21.96 11.39 -12.87
N VAL E 71 22.51 11.61 -14.06
CA VAL E 71 23.69 10.87 -14.52
C VAL E 71 24.62 11.84 -15.22
N ASP E 72 25.93 11.61 -15.07
CA ASP E 72 26.96 12.40 -15.75
C ASP E 72 27.95 11.42 -16.36
N THR E 73 27.82 11.16 -17.66
CA THR E 73 28.73 10.23 -18.33
C THR E 73 30.14 10.81 -18.44
N SER E 74 30.27 12.14 -18.43
CA SER E 74 31.59 12.76 -18.42
C SER E 74 32.35 12.40 -17.16
N LYS E 75 31.74 12.61 -16.00
CA LYS E 75 32.36 12.25 -14.72
C LYS E 75 32.19 10.79 -14.38
N ASN E 76 31.50 10.01 -15.22
CA ASN E 76 31.28 8.58 -14.99
C ASN E 76 30.62 8.34 -13.64
N GLN E 77 29.52 9.04 -13.40
CA GLN E 77 28.83 8.98 -12.12
C GLN E 77 27.35 9.26 -12.31
N PHE E 78 26.56 8.84 -11.33
CA PHE E 78 25.14 9.17 -11.28
C PHE E 78 24.78 9.50 -9.84
N SER E 79 23.85 10.43 -9.67
CA SER E 79 23.56 11.02 -8.37
C SER E 79 22.12 10.77 -7.96
N LEU E 80 21.84 11.08 -6.70
CA LEU E 80 20.52 10.88 -6.11
C LEU E 80 20.12 12.15 -5.37
N LYS E 81 18.84 12.51 -5.46
CA LYS E 81 18.31 13.69 -4.78
C LYS E 81 16.94 13.35 -4.19
N LEU E 82 16.81 13.45 -2.88
CA LEU E 82 15.57 13.17 -2.17
C LEU E 82 15.16 14.40 -1.38
N SER E 83 13.93 14.86 -1.59
CA SER E 83 13.43 16.10 -1.01
C SER E 83 12.54 15.83 0.19
N SER E 84 12.44 16.83 1.06
CA SER E 84 11.57 16.81 2.24
C SER E 84 11.81 15.55 3.08
N VAL E 85 13.05 15.41 3.54
CA VAL E 85 13.44 14.20 4.25
C VAL E 85 12.83 14.19 5.64
N THR E 86 12.46 12.99 6.11
CA THR E 86 11.98 12.79 7.47
C THR E 86 12.80 11.69 8.13
N ALA E 87 12.39 11.27 9.33
CA ALA E 87 13.10 10.20 10.03
C ALA E 87 13.01 8.87 9.29
N ALA E 88 11.99 8.68 8.46
CA ALA E 88 11.84 7.45 7.69
C ALA E 88 12.89 7.32 6.59
N ASP E 89 13.60 8.40 6.26
CA ASP E 89 14.61 8.38 5.21
C ASP E 89 16.02 8.09 5.74
N THR E 90 16.17 7.92 7.05
CA THR E 90 17.46 7.54 7.61
C THR E 90 17.74 6.08 7.31
N ALA E 91 18.80 5.83 6.53
CA ALA E 91 19.11 4.48 6.07
C ALA E 91 20.51 4.48 5.46
N VAL E 92 21.00 3.28 5.20
CA VAL E 92 22.21 3.08 4.40
C VAL E 92 21.81 3.03 2.93
N TYR E 93 22.43 3.87 2.12
CA TYR E 93 22.04 4.02 0.71
C TYR E 93 23.06 3.36 -0.18
N TYR E 94 22.60 2.46 -1.04
CA TYR E 94 23.45 1.72 -1.97
C TYR E 94 23.21 2.18 -3.40
N CYS E 95 24.20 1.96 -4.24
CA CYS E 95 24.06 2.07 -5.68
C CYS E 95 24.44 0.75 -6.33
N ALA E 96 23.70 0.38 -7.37
CA ALA E 96 23.92 -0.90 -8.05
C ALA E 96 23.83 -0.70 -9.55
N ARG E 97 24.15 -1.77 -10.28
CA ARG E 97 24.14 -1.78 -11.73
C ARG E 97 23.45 -3.04 -12.23
N ASP E 98 22.68 -2.89 -13.31
CA ASP E 98 22.08 -4.02 -14.00
C ASP E 98 22.87 -4.30 -15.26
N TYR E 99 23.50 -5.47 -15.31
CA TYR E 99 24.34 -5.88 -16.44
C TYR E 99 23.56 -6.90 -17.26
N TYR E 100 22.90 -6.43 -18.31
CA TYR E 100 22.10 -7.26 -19.22
C TYR E 100 21.02 -7.95 -18.40
N GLN E 101 21.00 -9.29 -18.33
CA GLN E 101 19.96 -10.03 -17.62
C GLN E 101 20.21 -10.15 -16.13
N LEU E 102 21.37 -9.69 -15.64
CA LEU E 102 21.68 -9.78 -14.22
C LEU E 102 21.29 -8.48 -13.53
N PRO E 103 20.23 -8.46 -12.72
CA PRO E 103 19.82 -7.22 -12.06
C PRO E 103 20.61 -6.99 -10.78
N MET E 104 21.16 -5.78 -10.63
CA MET E 104 21.91 -5.39 -9.44
C MET E 104 23.05 -6.38 -9.17
N ASP E 105 23.88 -6.61 -10.18
CA ASP E 105 24.94 -7.61 -10.07
C ASP E 105 26.14 -7.09 -9.28
N VAL E 106 26.38 -5.77 -9.30
CA VAL E 106 27.49 -5.16 -8.56
C VAL E 106 26.92 -4.08 -7.67
N TRP E 107 27.27 -4.11 -6.39
CA TRP E 107 26.79 -3.17 -5.40
C TRP E 107 27.94 -2.32 -4.87
N GLY E 108 27.59 -1.14 -4.36
CA GLY E 108 28.54 -0.30 -3.67
C GLY E 108 28.64 -0.69 -2.20
N GLN E 109 29.48 0.07 -1.49
CA GLN E 109 29.65 -0.18 -0.06
C GLN E 109 28.45 0.27 0.75
N GLY E 110 27.85 1.41 0.38
CA GLY E 110 26.73 1.94 1.11
C GLY E 110 27.13 2.94 2.17
N THR E 111 26.58 4.15 2.08
CA THR E 111 26.87 5.21 3.05
C THR E 111 25.67 5.42 3.96
N THR E 112 25.95 5.62 5.25
CA THR E 112 24.91 5.85 6.24
C THR E 112 24.53 7.32 6.24
N VAL E 113 23.26 7.61 6.01
CA VAL E 113 22.72 8.96 6.04
C VAL E 113 21.65 9.02 7.12
N THR E 114 21.78 9.98 8.02
CA THR E 114 20.87 10.13 9.15
C THR E 114 20.15 11.46 9.05
N VAL E 115 18.83 11.43 9.22
CA VAL E 115 18.02 12.64 9.22
C VAL E 115 17.84 13.10 10.66
N SER E 116 18.44 14.22 11.01
CA SER E 116 18.37 14.74 12.37
C SER E 116 18.74 16.22 12.36
N SER E 117 18.20 16.95 13.32
CA SER E 117 18.51 18.36 13.50
C SER E 117 19.75 18.59 14.36
N ALA E 118 20.31 17.52 14.93
CA ALA E 118 21.54 17.64 15.69
C ALA E 118 22.72 17.93 14.76
N SER E 119 23.87 18.17 15.35
CA SER E 119 25.08 18.48 14.60
C SER E 119 26.12 17.38 14.76
N THR E 120 27.04 17.32 13.80
CA THR E 120 28.11 16.34 13.85
C THR E 120 29.08 16.65 14.97
N LYS E 121 29.50 15.61 15.68
CA LYS E 121 30.46 15.74 16.77
C LYS E 121 31.45 14.60 16.69
N GLY E 122 32.74 14.93 16.64
CA GLY E 122 33.78 13.94 16.60
C GLY E 122 33.85 13.15 17.88
N PRO E 123 34.45 11.96 17.82
CA PRO E 123 34.53 11.10 18.99
C PRO E 123 35.75 11.39 19.86
N SER E 124 35.61 11.00 21.12
CA SER E 124 36.67 11.07 22.12
C SER E 124 37.11 9.65 22.43
N VAL E 125 38.39 9.39 22.29
CA VAL E 125 38.95 8.05 22.44
C VAL E 125 39.62 7.95 23.80
N PHE E 126 39.52 6.77 24.40
CA PHE E 126 40.13 6.46 25.69
C PHE E 126 40.59 5.01 25.69
N PRO E 127 41.80 4.73 26.19
CA PRO E 127 42.34 3.37 26.12
C PRO E 127 41.72 2.46 27.18
N LEU E 128 41.38 1.24 26.76
CA LEU E 128 40.92 0.20 27.69
C LEU E 128 42.14 -0.63 28.05
N ALA E 129 42.86 -0.17 29.06
CA ALA E 129 44.16 -0.75 29.39
C ALA E 129 44.00 -2.18 29.91
N PRO E 130 44.97 -3.05 29.63
CA PRO E 130 44.97 -4.44 30.11
C PRO E 130 45.71 -4.59 31.43
N THR E 139 47.30 -14.94 27.66
CA THR E 139 46.28 -14.24 26.90
C THR E 139 45.59 -13.16 27.74
N ALA E 140 45.62 -11.93 27.24
CA ALA E 140 44.98 -10.79 27.88
C ALA E 140 43.93 -10.22 26.95
N ALA E 141 43.46 -9.01 27.27
CA ALA E 141 42.44 -8.35 26.46
C ALA E 141 42.53 -6.85 26.68
N LEU E 142 42.78 -6.10 25.61
CA LEU E 142 42.83 -4.64 25.66
C LEU E 142 41.88 -4.07 24.62
N GLY E 143 41.82 -2.75 24.56
CA GLY E 143 40.97 -2.10 23.59
C GLY E 143 40.98 -0.60 23.78
N CYS E 144 40.03 0.06 23.14
CA CYS E 144 39.89 1.50 23.25
C CYS E 144 38.43 1.88 23.08
N LEU E 145 38.00 2.90 23.83
CA LEU E 145 36.61 3.32 23.88
C LEU E 145 36.38 4.53 22.99
N VAL E 146 35.40 4.43 22.09
CA VAL E 146 35.01 5.53 21.22
C VAL E 146 33.71 6.09 21.78
N LYS E 147 33.79 7.25 22.44
CA LYS E 147 32.66 7.78 23.19
C LYS E 147 32.22 9.13 22.63
N ASP E 148 30.91 9.38 22.73
CA ASP E 148 30.31 10.67 22.37
C ASP E 148 30.63 11.08 20.94
N TYR E 149 29.95 10.48 19.96
CA TYR E 149 30.07 10.88 18.57
C TYR E 149 28.72 10.84 17.90
N PHE E 150 28.58 11.61 16.83
CA PHE E 150 27.32 11.65 16.08
C PHE E 150 27.59 12.25 14.71
N PRO E 151 27.04 11.68 13.63
CA PRO E 151 26.28 10.44 13.69
C PRO E 151 27.13 9.22 13.33
N GLU E 152 26.49 8.06 13.25
CA GLU E 152 27.18 6.86 12.81
C GLU E 152 27.58 6.99 11.34
N PRO E 153 28.58 6.21 10.89
CA PRO E 153 29.33 5.18 11.60
C PRO E 153 30.73 5.61 12.04
N VAL E 154 31.40 4.73 12.79
CA VAL E 154 32.79 4.88 13.15
C VAL E 154 33.52 3.60 12.78
N THR E 155 34.60 3.72 12.01
CA THR E 155 35.40 2.58 11.60
C THR E 155 36.67 2.53 12.44
N VAL E 156 36.97 1.37 12.99
CA VAL E 156 38.10 1.17 13.90
C VAL E 156 39.01 0.10 13.31
N SER E 157 40.32 0.37 13.30
CA SER E 157 41.32 -0.60 12.91
C SER E 157 42.42 -0.62 13.97
N TRP E 158 43.20 -1.69 13.98
CA TRP E 158 44.29 -1.87 14.94
C TRP E 158 45.60 -2.03 14.18
N ASN E 159 46.60 -1.24 14.58
CA ASN E 159 47.91 -1.22 13.94
C ASN E 159 47.80 -0.93 12.45
N SER E 160 46.91 0.01 12.09
CA SER E 160 46.73 0.46 10.72
C SER E 160 46.34 -0.69 9.79
N GLY E 161 45.63 -1.68 10.31
CA GLY E 161 45.15 -2.80 9.53
C GLY E 161 45.96 -4.06 9.64
N ALA E 162 47.17 -3.99 10.21
CA ALA E 162 47.99 -5.19 10.34
C ALA E 162 47.39 -6.20 11.31
N LEU E 163 46.66 -5.74 12.31
CA LEU E 163 46.07 -6.60 13.33
C LEU E 163 44.62 -6.88 12.95
N THR E 164 44.31 -8.15 12.70
CA THR E 164 42.95 -8.54 12.35
C THR E 164 42.45 -9.65 13.26
N SER E 165 43.34 -10.56 13.66
CA SER E 165 42.93 -11.68 14.51
C SER E 165 42.61 -11.22 15.92
N GLY E 166 41.57 -11.80 16.50
CA GLY E 166 41.12 -11.44 17.83
C GLY E 166 40.43 -10.10 17.94
N VAL E 167 40.34 -9.35 16.86
CA VAL E 167 39.71 -8.03 16.88
C VAL E 167 38.21 -8.18 16.69
N HIS E 168 37.45 -7.46 17.51
CA HIS E 168 36.00 -7.39 17.36
C HIS E 168 35.55 -5.98 17.72
N THR E 169 35.09 -5.23 16.73
CA THR E 169 34.51 -3.91 16.96
C THR E 169 33.02 -4.08 17.24
N PHE E 170 32.59 -3.60 18.41
CA PHE E 170 31.21 -3.80 18.84
C PHE E 170 30.28 -2.81 18.18
N PRO E 171 28.99 -3.15 18.05
CA PRO E 171 28.01 -2.18 17.58
C PRO E 171 27.91 -1.01 18.55
N ALA E 172 27.50 0.14 18.01
CA ALA E 172 27.43 1.35 18.81
C ALA E 172 26.23 1.33 19.74
N VAL E 173 26.32 2.10 20.82
CA VAL E 173 25.21 2.28 21.74
C VAL E 173 24.77 3.73 21.65
N LEU E 174 23.48 3.96 21.89
CA LEU E 174 22.88 5.29 21.80
C LEU E 174 22.62 5.81 23.21
N GLN E 175 23.38 6.82 23.61
CA GLN E 175 23.23 7.39 24.94
C GLN E 175 22.06 8.39 24.97
N SER E 176 21.75 8.86 26.18
CA SER E 176 20.63 9.78 26.35
C SER E 176 20.93 11.14 25.72
N SER E 177 22.21 11.52 25.64
CA SER E 177 22.58 12.79 25.05
C SER E 177 22.46 12.80 23.53
N GLY E 178 22.01 11.70 22.91
CA GLY E 178 21.92 11.63 21.48
C GLY E 178 23.21 11.29 20.78
N LEU E 179 24.26 10.97 21.53
CA LEU E 179 25.56 10.64 20.97
C LEU E 179 25.83 9.15 21.14
N TYR E 180 26.64 8.61 20.25
CA TYR E 180 26.94 7.18 20.21
C TYR E 180 28.22 6.86 20.98
N SER E 181 28.45 5.55 21.16
CA SER E 181 29.63 5.06 21.84
C SER E 181 29.79 3.57 21.52
N LEU E 182 31.02 3.15 21.25
CA LEU E 182 31.31 1.76 20.98
C LEU E 182 32.71 1.43 21.51
N SER E 183 33.08 0.16 21.40
CA SER E 183 34.40 -0.30 21.82
C SER E 183 34.92 -1.32 20.82
N SER E 184 36.25 -1.46 20.78
CA SER E 184 36.92 -2.42 19.93
C SER E 184 37.96 -3.16 20.75
N VAL E 185 37.78 -4.47 20.90
CA VAL E 185 38.61 -5.28 21.78
C VAL E 185 39.52 -6.17 20.96
N VAL E 186 40.70 -6.46 21.51
CA VAL E 186 41.67 -7.38 20.91
C VAL E 186 42.10 -8.38 21.96
N THR E 187 42.12 -9.66 21.59
CA THR E 187 42.63 -10.72 22.46
C THR E 187 44.12 -10.89 22.18
N VAL E 188 44.95 -10.54 23.15
CA VAL E 188 46.40 -10.49 22.94
C VAL E 188 47.12 -11.26 24.04
N PRO E 189 48.08 -12.12 23.70
CA PRO E 189 48.89 -12.78 24.73
C PRO E 189 49.78 -11.76 25.43
N SER E 190 49.81 -11.83 26.76
CA SER E 190 50.54 -10.87 27.58
C SER E 190 51.99 -11.30 27.83
N SER E 191 52.55 -12.15 26.97
CA SER E 191 53.93 -12.59 27.14
C SER E 191 54.90 -11.43 26.96
N SER E 192 54.77 -10.69 25.86
CA SER E 192 55.63 -9.55 25.56
C SER E 192 54.88 -8.23 25.66
N LEU E 193 53.93 -8.15 26.60
CA LEU E 193 53.13 -6.93 26.74
C LEU E 193 54.00 -5.74 27.12
N GLY E 194 55.07 -5.97 27.88
CA GLY E 194 55.98 -4.89 28.22
C GLY E 194 56.77 -4.34 27.05
N THR E 195 56.81 -5.08 25.94
CA THR E 195 57.54 -4.66 24.74
C THR E 195 56.64 -4.39 23.55
N GLN E 196 55.56 -5.15 23.39
CA GLN E 196 54.70 -4.99 22.22
C GLN E 196 53.90 -3.70 22.31
N THR E 197 53.64 -3.11 21.14
CA THR E 197 52.89 -1.87 21.01
C THR E 197 51.53 -2.16 20.39
N TYR E 198 50.51 -1.41 20.83
CA TYR E 198 49.16 -1.60 20.32
C TYR E 198 48.47 -0.25 20.25
N ILE E 199 47.94 0.08 19.08
CA ILE E 199 47.31 1.36 18.81
C ILE E 199 46.06 1.13 17.97
N CYS E 200 44.94 1.68 18.40
CA CYS E 200 43.69 1.60 17.64
C CYS E 200 43.51 2.86 16.82
N ASN E 201 42.97 2.70 15.62
CA ASN E 201 42.81 3.80 14.66
C ASN E 201 41.32 4.04 14.46
N VAL E 202 40.83 5.17 14.94
CA VAL E 202 39.41 5.51 14.92
C VAL E 202 39.17 6.52 13.82
N ASN E 203 38.17 6.26 12.97
CA ASN E 203 37.82 7.14 11.86
C ASN E 203 36.34 7.49 11.95
N HIS E 204 36.03 8.78 11.84
CA HIS E 204 34.65 9.28 11.88
C HIS E 204 34.48 10.21 10.69
N LYS E 205 33.93 9.69 9.59
CA LYS E 205 33.81 10.42 8.33
C LYS E 205 32.86 11.62 8.41
N PRO E 206 31.71 11.53 9.08
CA PRO E 206 30.83 12.72 9.14
C PRO E 206 31.50 13.96 9.69
N SER E 207 32.37 13.83 10.70
CA SER E 207 33.10 14.97 11.22
C SER E 207 34.51 15.08 10.68
N ASN E 208 34.97 14.08 9.91
CA ASN E 208 36.29 14.07 9.27
C ASN E 208 37.40 14.15 10.32
N THR E 209 37.49 13.08 11.11
CA THR E 209 38.51 12.95 12.15
C THR E 209 39.11 11.56 12.08
N LYS E 210 40.45 11.50 12.09
CA LYS E 210 41.19 10.23 12.13
C LYS E 210 42.11 10.28 13.34
N VAL E 211 41.78 9.50 14.37
CA VAL E 211 42.44 9.58 15.66
C VAL E 211 43.05 8.21 15.99
N ASP E 212 44.27 8.24 16.52
CA ASP E 212 44.97 7.04 16.99
C ASP E 212 45.23 7.19 18.48
N LYS E 213 45.15 6.07 19.20
CA LYS E 213 45.33 6.10 20.64
C LYS E 213 46.18 4.91 21.06
N ARG E 214 47.25 5.17 21.81
CA ARG E 214 48.05 4.08 22.35
C ARG E 214 47.27 3.31 23.42
N VAL E 215 47.70 2.08 23.67
CA VAL E 215 47.11 1.31 24.76
C VAL E 215 48.21 0.76 25.66
N GLU E 216 48.65 1.56 26.63
CA GLU E 216 49.73 1.16 27.53
C GLU E 216 49.24 0.06 28.47
N PRO E 217 50.15 -0.69 29.08
CA PRO E 217 49.75 -1.59 30.18
C PRO E 217 49.56 -0.79 31.46
N LYS E 218 48.81 -1.40 32.38
CA LYS E 218 48.61 -0.80 33.69
C LYS E 218 49.73 -1.20 34.64
N GLN F 1 -1.66 -7.87 -5.60
CA GLN F 1 -0.50 -7.47 -4.81
C GLN F 1 0.55 -6.77 -5.67
N SER F 2 1.23 -5.80 -5.06
CA SER F 2 2.38 -5.15 -5.68
C SER F 2 3.62 -5.29 -4.81
N VAL F 3 3.56 -6.08 -3.74
CA VAL F 3 4.69 -6.32 -2.85
C VAL F 3 4.83 -7.83 -2.69
N LEU F 4 6.05 -8.25 -2.32
CA LEU F 4 6.38 -9.66 -2.17
C LEU F 4 6.40 -10.03 -0.69
N THR F 5 5.92 -11.23 -0.38
CA THR F 5 5.78 -11.71 0.99
C THR F 5 6.80 -12.81 1.25
N GLN F 6 7.53 -12.67 2.37
CA GLN F 6 8.52 -13.65 2.80
C GLN F 6 8.32 -13.98 4.27
N PRO F 7 8.51 -15.24 4.65
CA PRO F 7 8.52 -15.59 6.08
C PRO F 7 9.70 -14.94 6.77
N PRO F 8 9.49 -14.39 7.97
CA PRO F 8 10.55 -13.59 8.60
C PRO F 8 11.78 -14.39 8.99
N SER F 9 11.62 -15.63 9.44
CA SER F 9 12.74 -16.42 9.92
C SER F 9 12.69 -17.82 9.34
N ALA F 10 13.83 -18.49 9.38
CA ALA F 10 13.95 -19.88 8.95
C ALA F 10 15.23 -20.45 9.54
N SER F 11 15.23 -21.76 9.75
CA SER F 11 16.38 -22.46 10.31
C SER F 11 16.49 -23.83 9.67
N GLY F 12 17.67 -24.44 9.84
CA GLY F 12 17.93 -25.75 9.26
C GLY F 12 19.19 -26.39 9.78
N THR F 13 19.23 -27.72 9.77
CA THR F 13 20.41 -28.45 10.19
C THR F 13 21.45 -28.46 9.06
N PRO F 14 22.72 -28.24 9.36
CA PRO F 14 23.74 -28.26 8.32
C PRO F 14 23.79 -29.61 7.60
N GLY F 15 24.13 -29.56 6.31
CA GLY F 15 24.16 -30.72 5.47
C GLY F 15 22.84 -31.07 4.82
N GLN F 16 21.75 -30.43 5.23
CA GLN F 16 20.42 -30.68 4.69
C GLN F 16 19.99 -29.53 3.79
N ARG F 17 18.81 -29.66 3.21
CA ARG F 17 18.25 -28.68 2.27
C ARG F 17 17.12 -27.91 2.95
N VAL F 18 17.13 -26.59 2.78
CA VAL F 18 16.10 -25.71 3.31
C VAL F 18 15.64 -24.78 2.19
N THR F 19 14.35 -24.47 2.17
CA THR F 19 13.76 -23.65 1.12
C THR F 19 13.22 -22.35 1.71
N ILE F 20 13.39 -21.27 0.96
CA ILE F 20 12.85 -19.96 1.32
C ILE F 20 11.83 -19.58 0.24
N SER F 21 10.61 -19.31 0.67
CA SER F 21 9.51 -19.03 -0.25
C SER F 21 9.29 -17.54 -0.42
N CYS F 22 8.67 -17.18 -1.54
CA CYS F 22 8.39 -15.78 -1.88
C CYS F 22 7.07 -15.75 -2.62
N SER F 23 6.06 -15.12 -2.02
CA SER F 23 4.71 -15.05 -2.58
C SER F 23 4.47 -13.66 -3.17
N GLY F 24 4.06 -13.62 -4.43
CA GLY F 24 3.78 -12.38 -5.12
C GLY F 24 2.40 -12.42 -5.76
N SER F 25 2.30 -11.77 -6.92
CA SER F 25 1.04 -11.69 -7.65
C SER F 25 1.33 -11.69 -9.15
N SER F 26 0.28 -11.50 -9.94
CA SER F 26 0.41 -11.55 -11.38
C SER F 26 1.11 -10.32 -11.95
N SER F 27 1.13 -9.20 -11.22
CA SER F 27 1.83 -8.01 -11.68
C SER F 27 3.33 -8.09 -11.48
N ASN F 28 3.80 -8.95 -10.57
CA ASN F 28 5.22 -9.09 -10.32
C ASN F 28 5.73 -10.48 -10.69
N ILE F 29 5.55 -11.45 -9.80
CA ILE F 29 6.06 -12.79 -10.05
C ILE F 29 5.33 -13.43 -11.22
N GLY F 30 4.03 -13.15 -11.39
CA GLY F 30 3.26 -13.79 -12.43
C GLY F 30 3.62 -13.37 -13.84
N SER F 31 4.35 -12.27 -14.00
CA SER F 31 4.65 -11.74 -15.33
C SER F 31 6.10 -11.37 -15.56
N ASN F 32 6.94 -11.35 -14.52
CA ASN F 32 8.31 -10.86 -14.64
C ASN F 32 9.28 -11.83 -14.00
N TYR F 33 10.57 -11.59 -14.23
CA TYR F 33 11.61 -12.41 -13.66
C TYR F 33 11.70 -12.22 -12.16
N VAL F 34 12.18 -13.26 -11.47
CA VAL F 34 12.39 -13.24 -10.03
C VAL F 34 13.88 -13.43 -9.76
N TYR F 35 14.42 -12.64 -8.84
CA TYR F 35 15.82 -12.71 -8.48
C TYR F 35 15.97 -12.75 -6.96
N TRP F 36 17.06 -13.35 -6.51
CA TRP F 36 17.33 -13.53 -5.09
C TRP F 36 18.66 -12.90 -4.72
N TYR F 37 18.77 -12.49 -3.45
CA TYR F 37 19.96 -11.80 -2.96
C TYR F 37 20.29 -12.29 -1.55
N GLN F 38 21.58 -12.34 -1.26
CA GLN F 38 22.08 -12.72 0.07
C GLN F 38 22.77 -11.52 0.70
N GLN F 39 22.43 -11.24 1.95
CA GLN F 39 23.00 -10.10 2.67
C GLN F 39 23.56 -10.58 4.01
N LEU F 40 24.89 -10.59 4.12
CA LEU F 40 25.54 -10.84 5.39
C LEU F 40 25.51 -9.58 6.25
N PRO F 41 25.56 -9.73 7.57
CA PRO F 41 25.49 -8.55 8.46
C PRO F 41 26.62 -7.58 8.18
N GLY F 42 26.25 -6.32 7.95
CA GLY F 42 27.21 -5.26 7.73
C GLY F 42 27.77 -5.18 6.33
N THR F 43 27.30 -6.01 5.41
CA THR F 43 27.80 -6.04 4.05
C THR F 43 26.66 -5.78 3.07
N ALA F 44 27.04 -5.40 1.85
CA ALA F 44 26.05 -5.16 0.81
C ALA F 44 25.47 -6.48 0.31
N PRO F 45 24.24 -6.46 -0.21
CA PRO F 45 23.65 -7.68 -0.75
C PRO F 45 24.44 -8.22 -1.93
N LYS F 46 24.23 -9.51 -2.21
CA LYS F 46 24.94 -10.21 -3.27
C LYS F 46 23.94 -11.01 -4.10
N LEU F 47 24.06 -10.92 -5.42
CA LEU F 47 23.13 -11.61 -6.30
C LEU F 47 23.39 -13.11 -6.28
N LEU F 48 22.33 -13.88 -6.00
CA LEU F 48 22.39 -15.34 -5.99
C LEU F 48 21.69 -15.97 -7.18
N ILE F 49 20.53 -15.45 -7.57
CA ILE F 49 19.72 -16.03 -8.64
C ILE F 49 19.18 -14.90 -9.50
N TYR F 50 19.27 -15.06 -10.82
CA TYR F 50 18.61 -14.19 -11.77
C TYR F 50 17.88 -15.06 -12.78
N ARG F 51 16.93 -14.44 -13.49
N ARG F 51 16.92 -14.45 -13.48
CA ARG F 51 16.10 -15.14 -14.48
CA ARG F 51 16.12 -15.14 -14.48
C ARG F 51 15.47 -16.39 -13.87
C ARG F 51 15.45 -16.38 -13.88
N ASN F 52 14.84 -16.21 -12.71
CA ASN F 52 14.15 -17.26 -11.97
C ASN F 52 15.06 -18.35 -11.45
N ASN F 53 16.01 -18.84 -12.26
CA ASN F 53 16.81 -19.99 -11.85
C ASN F 53 18.27 -19.94 -12.29
N GLN F 54 18.72 -18.85 -12.91
CA GLN F 54 20.09 -18.79 -13.41
C GLN F 54 21.06 -18.32 -12.34
N ARG F 55 22.23 -18.95 -12.31
CA ARG F 55 23.24 -18.73 -11.29
C ARG F 55 24.40 -17.92 -11.86
N PRO F 56 24.78 -16.81 -11.22
CA PRO F 56 25.97 -16.07 -11.68
C PRO F 56 27.24 -16.83 -11.32
N SER F 57 28.31 -16.51 -12.05
CA SER F 57 29.59 -17.15 -11.81
C SER F 57 30.11 -16.77 -10.43
N GLY F 58 30.57 -17.77 -9.67
CA GLY F 58 31.05 -17.57 -8.32
C GLY F 58 30.06 -17.95 -7.24
N VAL F 59 28.80 -18.20 -7.60
CA VAL F 59 27.78 -18.62 -6.64
C VAL F 59 27.82 -20.14 -6.54
N PRO F 60 27.84 -20.70 -5.33
CA PRO F 60 27.85 -22.17 -5.20
C PRO F 60 26.62 -22.79 -5.84
N ASP F 61 26.81 -23.92 -6.51
CA ASP F 61 25.72 -24.60 -7.19
C ASP F 61 24.70 -25.20 -6.23
N ARG F 62 24.95 -25.15 -4.93
CA ARG F 62 23.96 -25.61 -3.95
C ARG F 62 22.80 -24.63 -3.78
N PHE F 63 22.94 -23.42 -4.30
CA PHE F 63 21.84 -22.47 -4.35
C PHE F 63 21.05 -22.67 -5.64
N SER F 64 19.74 -22.83 -5.52
CA SER F 64 18.89 -23.05 -6.69
C SER F 64 17.56 -22.33 -6.48
N GLY F 65 17.06 -21.72 -7.56
CA GLY F 65 15.79 -21.02 -7.50
C GLY F 65 14.76 -21.60 -8.46
N SER F 66 13.48 -21.37 -8.17
CA SER F 66 12.41 -21.84 -9.03
C SER F 66 11.25 -20.87 -8.96
N LYS F 67 10.33 -20.99 -9.92
CA LYS F 67 9.19 -20.10 -10.00
C LYS F 67 8.04 -20.82 -10.67
N SER F 68 6.86 -20.76 -10.06
CA SER F 68 5.65 -21.36 -10.62
C SER F 68 4.46 -20.53 -10.17
N GLY F 69 3.71 -20.00 -11.14
CA GLY F 69 2.57 -19.16 -10.83
C GLY F 69 2.97 -17.81 -10.27
N THR F 70 2.49 -17.49 -9.07
CA THR F 70 2.80 -16.23 -8.40
C THR F 70 3.72 -16.43 -7.20
N SER F 71 4.44 -17.55 -7.14
CA SER F 71 5.33 -17.86 -6.05
C SER F 71 6.72 -18.21 -6.58
N ALA F 72 7.73 -17.95 -5.75
CA ALA F 72 9.11 -18.29 -6.05
C ALA F 72 9.72 -18.99 -4.84
N SER F 73 10.84 -19.66 -5.07
CA SER F 73 11.46 -20.44 -4.00
C SER F 73 12.98 -20.45 -4.20
N LEU F 74 13.70 -20.42 -3.08
CA LEU F 74 15.16 -20.51 -3.08
C LEU F 74 15.55 -21.68 -2.19
N ALA F 75 16.20 -22.68 -2.78
CA ALA F 75 16.60 -23.88 -2.08
C ALA F 75 18.11 -23.86 -1.85
N ILE F 76 18.53 -24.19 -0.64
CA ILE F 76 19.94 -24.21 -0.27
C ILE F 76 20.27 -25.64 0.17
N SER F 77 20.78 -26.44 -0.75
CA SER F 77 21.20 -27.80 -0.43
C SER F 77 22.56 -27.79 0.24
N GLY F 78 22.84 -28.83 1.02
CA GLY F 78 24.08 -28.93 1.75
C GLY F 78 24.35 -27.70 2.59
N LEU F 79 23.44 -27.43 3.52
CA LEU F 79 23.50 -26.19 4.30
C LEU F 79 24.80 -26.09 5.07
N ARG F 80 25.42 -24.91 5.03
CA ARG F 80 26.67 -24.66 5.72
C ARG F 80 26.49 -23.47 6.67
N SER F 81 27.37 -23.41 7.67
CA SER F 81 27.30 -22.33 8.65
C SER F 81 27.54 -20.95 8.03
N GLU F 82 28.23 -20.90 6.89
CA GLU F 82 28.46 -19.63 6.22
C GLU F 82 27.22 -19.11 5.52
N ASP F 83 26.15 -19.88 5.47
CA ASP F 83 24.91 -19.46 4.83
C ASP F 83 24.02 -18.63 5.76
N GLU F 84 24.46 -18.35 6.99
CA GLU F 84 23.68 -17.51 7.90
C GLU F 84 23.71 -16.08 7.39
N ALA F 85 22.58 -15.63 6.86
CA ALA F 85 22.45 -14.29 6.30
C ALA F 85 20.96 -14.02 6.10
N ASP F 86 20.67 -12.83 5.59
CA ASP F 86 19.33 -12.43 5.18
C ASP F 86 19.19 -12.61 3.68
N TYR F 87 18.07 -13.20 3.26
CA TYR F 87 17.82 -13.51 1.88
C TYR F 87 16.57 -12.78 1.40
N TYR F 88 16.72 -12.06 0.28
CA TYR F 88 15.64 -11.25 -0.27
C TYR F 88 15.30 -11.72 -1.68
N CYS F 89 14.00 -11.81 -1.96
CA CYS F 89 13.50 -11.96 -3.31
C CYS F 89 13.10 -10.59 -3.86
N ALA F 90 13.15 -10.46 -5.18
CA ALA F 90 12.83 -9.19 -5.82
C ALA F 90 12.39 -9.45 -7.24
N ALA F 91 11.56 -8.55 -7.76
CA ALA F 91 11.02 -8.69 -9.10
C ALA F 91 10.42 -7.36 -9.53
N TRP F 92 10.32 -7.19 -10.84
CA TRP F 92 9.64 -6.02 -11.39
C TRP F 92 8.14 -6.16 -11.25
N ASP F 93 7.46 -5.05 -11.01
CA ASP F 93 6.02 -5.03 -10.85
C ASP F 93 5.41 -4.09 -11.88
N ASP F 94 4.46 -4.62 -12.66
CA ASP F 94 3.87 -3.84 -13.75
C ASP F 94 2.97 -2.73 -13.23
N SER F 95 2.29 -2.95 -12.11
CA SER F 95 1.39 -1.93 -11.57
C SER F 95 2.19 -0.70 -11.12
N LEU F 96 3.25 -0.93 -10.35
CA LEU F 96 4.10 0.17 -9.87
C LEU F 96 5.09 0.65 -10.92
N SER F 97 5.31 -0.11 -11.99
CA SER F 97 6.36 0.20 -12.97
C SER F 97 7.70 0.37 -12.28
N GLY F 98 7.99 -0.51 -11.34
CA GLY F 98 9.23 -0.42 -10.57
C GLY F 98 9.59 -1.76 -9.98
N ARG F 99 10.76 -1.79 -9.35
CA ARG F 99 11.29 -3.00 -8.74
C ARG F 99 10.90 -3.05 -7.27
N VAL F 100 10.55 -4.24 -6.79
CA VAL F 100 10.05 -4.43 -5.44
C VAL F 100 10.84 -5.55 -4.77
N PHE F 101 11.23 -5.33 -3.52
CA PHE F 101 11.89 -6.34 -2.70
C PHE F 101 10.88 -7.05 -1.81
N GLY F 102 11.27 -8.24 -1.36
CA GLY F 102 10.52 -8.92 -0.32
C GLY F 102 10.94 -8.43 1.06
N GLY F 103 10.22 -8.93 2.06
CA GLY F 103 10.53 -8.54 3.43
C GLY F 103 11.91 -9.00 3.88
N GLY F 104 12.31 -10.17 3.42
CA GLY F 104 13.59 -10.73 3.81
C GLY F 104 13.41 -11.86 4.82
N THR F 105 14.30 -12.86 4.72
CA THR F 105 14.24 -14.04 5.57
C THR F 105 15.57 -14.18 6.31
N LYS F 106 15.50 -14.14 7.64
CA LYS F 106 16.67 -14.37 8.49
C LYS F 106 16.91 -15.87 8.61
N LEU F 107 18.03 -16.35 8.08
CA LEU F 107 18.37 -17.77 8.10
C LEU F 107 19.36 -18.04 9.22
N THR F 108 19.04 -19.02 10.05
CA THR F 108 19.91 -19.44 11.15
C THR F 108 20.32 -20.89 10.93
N VAL F 109 21.62 -21.14 10.95
CA VAL F 109 22.17 -22.48 10.76
C VAL F 109 22.39 -23.09 12.14
N LEU F 110 21.63 -24.12 12.47
CA LEU F 110 21.73 -24.78 13.75
C LEU F 110 23.02 -25.61 13.83
N GLY F 111 23.19 -26.31 14.95
CA GLY F 111 24.26 -27.26 15.11
C GLY F 111 25.55 -26.73 15.71
N GLN F 112 25.63 -25.42 15.96
CA GLN F 112 26.86 -24.88 16.54
C GLN F 112 26.98 -25.29 18.00
N PRO F 113 28.13 -25.80 18.43
CA PRO F 113 28.27 -26.22 19.83
C PRO F 113 28.24 -25.02 20.78
N LYS F 114 27.92 -25.31 22.03
CA LYS F 114 27.81 -24.28 23.05
C LYS F 114 29.19 -23.89 23.57
N ALA F 115 29.29 -22.65 24.04
CA ALA F 115 30.54 -22.14 24.58
C ALA F 115 30.23 -21.05 25.60
N ALA F 116 30.91 -21.12 26.75
CA ALA F 116 30.72 -20.13 27.80
C ALA F 116 31.48 -18.85 27.47
N PRO F 117 30.94 -17.69 27.85
CA PRO F 117 31.58 -16.43 27.49
C PRO F 117 32.77 -16.10 28.37
N SER F 118 33.67 -15.29 27.82
CA SER F 118 34.81 -14.74 28.53
C SER F 118 34.55 -13.25 28.74
N VAL F 119 34.51 -12.83 30.01
CA VAL F 119 34.09 -11.48 30.39
C VAL F 119 35.30 -10.70 30.86
N THR F 120 35.45 -9.48 30.36
CA THR F 120 36.49 -8.56 30.80
C THR F 120 35.83 -7.25 31.21
N LEU F 121 36.16 -6.75 32.39
CA LEU F 121 35.61 -5.51 32.93
C LEU F 121 36.71 -4.47 33.03
N PHE F 122 36.53 -3.35 32.33
CA PHE F 122 37.54 -2.30 32.30
C PHE F 122 37.15 -1.15 33.21
N PRO F 123 38.06 -0.65 34.04
CA PRO F 123 37.77 0.52 34.87
C PRO F 123 37.88 1.79 34.05
N PRO F 124 37.42 2.93 34.59
CA PRO F 124 37.59 4.19 33.86
C PRO F 124 39.06 4.51 33.63
N SER F 125 39.36 5.05 32.46
CA SER F 125 40.72 5.41 32.12
C SER F 125 41.12 6.70 32.83
N SER F 126 42.44 6.85 33.04
CA SER F 126 42.95 8.06 33.66
C SER F 126 42.65 9.29 32.81
N GLU F 127 42.60 9.12 31.49
CA GLU F 127 42.27 10.25 30.62
C GLU F 127 40.79 10.62 30.73
N GLU F 128 39.91 9.62 30.87
CA GLU F 128 38.49 9.91 31.03
C GLU F 128 38.22 10.57 32.37
N LEU F 129 38.93 10.15 33.42
CA LEU F 129 38.78 10.80 34.72
C LEU F 129 39.32 12.22 34.69
N GLN F 130 40.35 12.49 33.88
CA GLN F 130 40.81 13.85 33.70
C GLN F 130 39.77 14.70 33.00
N ALA F 131 38.92 14.09 32.18
CA ALA F 131 37.85 14.79 31.50
C ALA F 131 36.57 14.86 32.34
N ASN F 132 36.67 14.63 33.65
CA ASN F 132 35.55 14.69 34.58
C ASN F 132 34.43 13.71 34.20
N LYS F 133 34.81 12.55 33.65
CA LYS F 133 33.87 11.51 33.28
C LYS F 133 34.40 10.16 33.73
N ALA F 134 33.53 9.16 33.72
CA ALA F 134 33.91 7.81 34.12
C ALA F 134 32.94 6.82 33.49
N THR F 135 33.48 5.75 32.91
CA THR F 135 32.67 4.73 32.26
C THR F 135 33.30 3.37 32.48
N LEU F 136 32.48 2.42 32.95
CA LEU F 136 32.93 1.04 33.13
C LEU F 136 32.51 0.23 31.91
N VAL F 137 33.50 -0.39 31.26
CA VAL F 137 33.28 -1.12 30.02
C VAL F 137 33.34 -2.61 30.32
N CYS F 138 32.23 -3.31 30.08
CA CYS F 138 32.13 -4.75 30.29
C CYS F 138 31.96 -5.42 28.93
N LEU F 139 33.02 -6.07 28.46
CA LEU F 139 33.02 -6.70 27.15
C LEU F 139 32.89 -8.21 27.29
N ILE F 140 31.99 -8.79 26.50
CA ILE F 140 31.70 -10.21 26.55
C ILE F 140 32.08 -10.82 25.19
N SER F 141 32.66 -12.01 25.22
CA SER F 141 33.20 -12.59 24.00
C SER F 141 33.12 -14.11 24.03
N ASP F 142 33.09 -14.70 22.84
CA ASP F 142 33.24 -16.14 22.64
C ASP F 142 32.17 -16.93 23.40
N PHE F 143 30.93 -16.77 22.97
CA PHE F 143 29.83 -17.54 23.54
C PHE F 143 28.81 -17.84 22.45
N TYR F 144 28.06 -18.92 22.65
CA TYR F 144 26.98 -19.34 21.78
C TYR F 144 26.03 -20.17 22.64
N PRO F 145 24.71 -19.95 22.51
CA PRO F 145 24.05 -19.01 21.60
C PRO F 145 24.16 -17.55 22.05
N GLY F 146 23.81 -16.62 21.17
CA GLY F 146 23.95 -15.21 21.45
C GLY F 146 22.87 -14.65 22.35
N ALA F 147 22.73 -15.21 23.55
CA ALA F 147 21.77 -14.75 24.53
C ALA F 147 22.48 -14.55 25.85
N VAL F 148 22.46 -13.32 26.36
CA VAL F 148 23.16 -12.99 27.60
C VAL F 148 22.31 -11.98 28.38
N THR F 149 22.50 -11.96 29.70
CA THR F 149 21.87 -11.00 30.58
C THR F 149 22.94 -10.41 31.49
N VAL F 150 23.03 -9.08 31.51
CA VAL F 150 24.08 -8.38 32.27
C VAL F 150 23.43 -7.73 33.48
N ALA F 151 24.06 -7.91 34.65
CA ALA F 151 23.64 -7.28 35.89
C ALA F 151 24.80 -6.48 36.45
N TRP F 152 24.57 -5.21 36.73
CA TRP F 152 25.59 -4.32 37.26
C TRP F 152 25.40 -4.15 38.77
N LYS F 153 26.48 -4.39 39.52
CA LYS F 153 26.46 -4.32 40.98
C LYS F 153 27.40 -3.21 41.44
N ALA F 154 26.97 -2.49 42.47
CA ALA F 154 27.78 -1.45 43.11
C ALA F 154 27.83 -1.77 44.60
N ASP F 155 28.97 -2.31 45.05
CA ASP F 155 29.13 -2.78 46.43
C ASP F 155 28.01 -3.75 46.80
N SER F 156 27.83 -4.78 45.96
CA SER F 156 26.82 -5.82 46.12
C SER F 156 25.40 -5.28 46.04
N SER F 157 25.20 -4.11 45.42
CA SER F 157 23.88 -3.54 45.24
C SER F 157 23.60 -3.34 43.76
N PRO F 158 22.42 -3.72 43.29
CA PRO F 158 22.12 -3.60 41.85
C PRO F 158 21.95 -2.15 41.43
N VAL F 159 22.38 -1.87 40.19
CA VAL F 159 22.31 -0.53 39.63
C VAL F 159 21.71 -0.64 38.22
N LYS F 160 20.53 -0.05 38.04
CA LYS F 160 19.87 0.00 36.74
C LYS F 160 20.15 1.29 35.98
N ALA F 161 20.43 2.38 36.68
CA ALA F 161 20.65 3.66 36.03
C ALA F 161 22.01 3.72 35.35
N GLY F 162 22.06 4.43 34.23
CA GLY F 162 23.29 4.59 33.47
C GLY F 162 23.77 3.33 32.79
N VAL F 163 22.94 2.30 32.70
CA VAL F 163 23.35 1.04 32.08
C VAL F 163 22.91 1.03 30.62
N GLU F 164 23.86 0.80 29.72
CA GLU F 164 23.59 0.65 28.30
C GLU F 164 24.23 -0.63 27.81
N THR F 165 23.48 -1.42 27.05
CA THR F 165 23.91 -2.75 26.64
C THR F 165 23.57 -2.99 25.18
N THR F 166 24.51 -3.56 24.45
CA THR F 166 24.34 -3.83 23.03
C THR F 166 23.79 -5.23 22.81
N THR F 167 23.08 -5.39 21.69
CA THR F 167 22.54 -6.68 21.32
C THR F 167 23.68 -7.60 20.85
N PRO F 168 23.68 -8.86 21.28
CA PRO F 168 24.78 -9.76 20.91
C PRO F 168 24.92 -9.89 19.40
N SER F 169 26.17 -9.95 18.95
CA SER F 169 26.50 -10.00 17.54
C SER F 169 27.62 -10.99 17.32
N LYS F 170 27.81 -11.38 16.07
CA LYS F 170 28.76 -12.39 15.67
C LYS F 170 30.16 -11.78 15.51
N GLN F 171 31.17 -12.54 15.88
CA GLN F 171 32.55 -12.13 15.68
C GLN F 171 33.17 -12.95 14.55
N SER F 172 34.49 -12.87 14.42
CA SER F 172 35.19 -13.49 13.30
C SER F 172 35.13 -15.01 13.38
N ASN F 173 35.20 -15.57 14.59
CA ASN F 173 35.18 -17.01 14.78
C ASN F 173 33.77 -17.60 14.81
N ASN F 174 32.78 -16.85 14.33
CA ASN F 174 31.38 -17.28 14.25
C ASN F 174 30.79 -17.56 15.63
N LYS F 175 31.38 -17.03 16.69
CA LYS F 175 30.75 -17.01 18.00
C LYS F 175 30.12 -15.63 18.22
N TYR F 176 29.58 -15.42 19.41
CA TYR F 176 28.86 -14.18 19.70
C TYR F 176 29.63 -13.32 20.70
N ALA F 177 29.36 -12.02 20.64
CA ALA F 177 29.99 -11.04 21.52
C ALA F 177 29.00 -9.94 21.82
N ALA F 178 29.15 -9.36 23.02
CA ALA F 178 28.26 -8.28 23.46
C ALA F 178 29.03 -7.37 24.40
N SER F 179 28.54 -6.13 24.53
CA SER F 179 29.17 -5.13 25.37
C SER F 179 28.12 -4.51 26.28
N SER F 180 28.60 -3.93 27.38
CA SER F 180 27.72 -3.27 28.35
C SER F 180 28.51 -2.15 29.01
N TYR F 181 27.87 -0.99 29.13
CA TYR F 181 28.51 0.21 29.65
C TYR F 181 27.78 0.71 30.89
N LEU F 182 28.55 1.30 31.81
CA LEU F 182 28.01 1.92 33.01
C LEU F 182 28.64 3.29 33.16
N SER F 183 27.85 4.34 32.95
CA SER F 183 28.34 5.71 33.01
C SER F 183 28.30 6.23 34.44
N LEU F 184 29.39 6.86 34.88
CA LEU F 184 29.54 7.35 36.24
C LEU F 184 30.19 8.72 36.22
N THR F 185 29.87 9.52 37.23
CA THR F 185 30.68 10.70 37.48
C THR F 185 31.88 10.32 38.33
N PRO F 186 32.98 11.06 38.22
CA PRO F 186 34.21 10.67 38.94
C PRO F 186 34.02 10.45 40.43
N GLU F 187 33.07 11.15 41.05
CA GLU F 187 32.85 10.99 42.49
C GLU F 187 32.21 9.64 42.81
N GLN F 188 31.24 9.21 41.99
CA GLN F 188 30.60 7.91 42.25
C GLN F 188 31.60 6.77 42.15
N TRP F 189 32.51 6.84 41.19
CA TRP F 189 33.52 5.81 41.04
C TRP F 189 34.45 5.76 42.25
N LYS F 190 34.79 6.93 42.79
CA LYS F 190 35.65 7.02 43.97
C LYS F 190 34.88 6.93 45.27
N SER F 191 33.56 7.06 45.24
CA SER F 191 32.78 6.93 46.47
C SER F 191 32.72 5.48 46.94
N HIS F 192 32.34 4.57 46.04
CA HIS F 192 32.24 3.16 46.39
C HIS F 192 33.61 2.51 46.39
N ARG F 193 33.64 1.26 46.84
CA ARG F 193 34.88 0.50 46.89
C ARG F 193 34.95 -0.63 45.86
N SER F 194 33.83 -0.97 45.22
CA SER F 194 33.81 -2.07 44.27
C SER F 194 32.60 -1.96 43.37
N TYR F 195 32.79 -2.24 42.09
CA TYR F 195 31.72 -2.40 41.12
C TYR F 195 31.90 -3.75 40.44
N SER F 196 30.80 -4.28 39.89
CA SER F 196 30.85 -5.61 39.31
C SER F 196 29.93 -5.69 38.09
N CYS F 197 30.39 -6.42 37.08
CA CYS F 197 29.59 -6.78 35.91
C CYS F 197 29.25 -8.26 36.00
N GLN F 198 27.97 -8.57 36.03
CA GLN F 198 27.49 -9.95 36.23
C GLN F 198 26.82 -10.41 34.95
N VAL F 199 27.42 -11.41 34.30
CA VAL F 199 26.96 -11.91 33.01
C VAL F 199 26.44 -13.33 33.20
N THR F 200 25.21 -13.57 32.75
CA THR F 200 24.58 -14.87 32.80
C THR F 200 24.33 -15.36 31.38
N HIS F 201 24.87 -16.53 31.05
CA HIS F 201 24.72 -17.12 29.72
C HIS F 201 24.22 -18.55 29.88
N GLU F 202 22.92 -18.75 29.59
CA GLU F 202 22.32 -20.08 29.59
C GLU F 202 22.44 -20.76 30.95
N GLY F 203 22.15 -20.00 32.00
CA GLY F 203 22.16 -20.55 33.35
C GLY F 203 23.50 -20.60 34.02
N SER F 204 24.53 -19.99 33.43
CA SER F 204 25.87 -19.94 34.02
C SER F 204 26.28 -18.49 34.15
N THR F 205 26.75 -18.12 35.34
CA THR F 205 27.01 -16.73 35.68
C THR F 205 28.51 -16.47 35.81
N VAL F 206 28.97 -15.37 35.24
CA VAL F 206 30.35 -14.92 35.34
C VAL F 206 30.35 -13.50 35.88
N GLU F 207 30.93 -13.30 37.05
CA GLU F 207 30.98 -12.01 37.72
C GLU F 207 32.40 -11.48 37.72
N LYS F 208 32.61 -10.30 37.14
CA LYS F 208 33.89 -9.61 37.17
C LYS F 208 33.76 -8.36 38.03
N THR F 209 34.74 -8.15 38.92
CA THR F 209 34.72 -7.05 39.87
C THR F 209 35.93 -6.16 39.65
N VAL F 210 35.72 -4.84 39.72
CA VAL F 210 36.78 -3.85 39.57
C VAL F 210 36.68 -2.85 40.72
N ALA F 211 37.79 -2.20 41.01
CA ALA F 211 37.89 -1.27 42.12
C ALA F 211 38.89 -0.18 41.77
N PRO F 212 38.72 1.04 42.29
CA PRO F 212 39.65 2.16 42.10
C PRO F 212 41.10 1.80 42.43
#